data_7B7N
#
_entry.id   7B7N
#
_cell.length_a   72.940
_cell.length_b   129.000
_cell.length_c   267.690
_cell.angle_alpha   90.000
_cell.angle_beta   90.000
_cell.angle_gamma   90.000
#
_symmetry.space_group_name_H-M   'C 2 2 21'
#
loop_
_entity.id
_entity.type
_entity.pdbx_description
1 polymer 'Ephrin type-A receptor 2'
2 polymer 'Envelope glycoprotein H'
3 polymer 'Envelope glycoprotein L'
4 branched 2-acetamido-2-deoxy-beta-D-glucopyranose-(1-4)-2-acetamido-2-deoxy-beta-D-glucopyranose
5 non-polymer 'CHLORIDE ION'
6 non-polymer 'SODIUM ION'
7 non-polymer 2-acetamido-2-deoxy-beta-D-glucopyranose
8 water water
#
loop_
_entity_poly.entity_id
_entity_poly.type
_entity_poly.pdbx_seq_one_letter_code
_entity_poly.pdbx_strand_id
1 'polypeptide(L)'
;AAQGKEVVLLDFAAAGGELGWLTHPYGKGWDLMQNIMNDMPIYMYSVCNVMSGDQDNWLRTNWVYRGEAERIFIELKFTV
RDCNSFPGGASSCKETFNLYYAESDLDYGTNFQKRLFTKIDTIAPDEITVSSDFEARHVKLNVEERSVGPLTRKGFYLAF
QDIGACVALLSVRVYYKKCPDDDDKAGWSHPQFEKGGGSGGGSGGGSWSHPQFEK
;
E
2 'polypeptide(L)'
;RSLPTTATTITRSATQLINGRTNLSIELEFNGTSFFLNWQNLLNVITEPALTELWTSAEVAEDLRVTLKKRQSLFFPNKT
VVISGDGHRYTCEVPTSSQTYNITKGFNYSALPGHLGGFGINARLVLGDIFASKWSLFARDTPEYRVFYPMNVMAVKFSI
SIGNNESGVALYGVVSEDFVVVTLHNRSKEANETASHLLFGLPDSLPSLKGHATYDELTFARNAKYALVAILPKDSYQTL
LTENYTRIFLNMTESTPLEFTRTIQTRIVSIEARRACAAQEAAPDIFLVLFQMLVAHFLVARGIAEHRFVEVDCVCRQYA
ELYFLRRISRLCMPTFTTVGYNHTTLGAVAATQIARVSATKLASLPRSSQETVLAMVQLGARDGAVPSSILEGIAMVVEH
MYTAYTYVYTLGDTERKLMLDIHTVLTDSCPPKDSGVSEKLLRTYLMFTSMCTNIELGEMIARFSKPDSLNIYRAFSPCF
LGLRYDLHPAKLRAEAPQSSALTRTAVARGTSGFAELLHALHLDSLNLIPAINCSKITADKIIATVPLPHVTYIISSEAL
SNAVVYEVSEIFLKSAMFISAIKPDCSGFNFSQIDRHIPIVYNISTPRRGCPLCDSVIMSYDESDGLQSLMYVTNERVQT
NLFLDKSPFFDNNNLHIHYLWLRDNGTVVEIRGMYRRRAAS
;
H
3 'polypeptide(L)'
;RSYVALPCCAIQASAASTLPLFFAVHSIHFADPNHCNGVSIAKLRSKTGDITVETCVNGFNLRSFLVAVVRRLGSWASQE
NLRLLWYLQRSLTAYTVGFNATTADSSIHNVNIIIISVGKAMNRTGSVSGSQTRAKSSSRRAHAGQKGKDDDDKAGWSHP
QFEKGGGSGGGSGGGSWSHPQFEK
;
L
#
loop_
_chem_comp.id
_chem_comp.type
_chem_comp.name
_chem_comp.formula
CL non-polymer 'CHLORIDE ION' 'Cl -1'
NA non-polymer 'SODIUM ION' 'Na 1'
NAG D-saccharide, beta linking 2-acetamido-2-deoxy-beta-D-glucopyranose 'C8 H15 N O6'
#
# COMPACT_ATOMS: atom_id res chain seq x y z
N LYS A 5 32.74 59.02 22.97
CA LYS A 5 32.32 58.89 24.35
C LYS A 5 31.82 57.47 24.64
N GLU A 6 31.05 57.34 25.72
CA GLU A 6 30.45 56.07 26.15
C GLU A 6 31.51 54.98 26.33
N VAL A 7 32.09 54.93 27.52
CA VAL A 7 32.93 53.80 27.93
C VAL A 7 32.02 52.83 28.69
N VAL A 8 31.96 51.59 28.20
CA VAL A 8 31.05 50.58 28.70
C VAL A 8 31.76 49.73 29.75
N LEU A 9 31.19 49.66 30.96
CA LEU A 9 31.70 48.82 32.02
C LEU A 9 31.01 47.46 32.08
N LEU A 10 29.76 47.38 31.61
CA LEU A 10 28.98 46.16 31.66
C LEU A 10 28.06 46.14 30.46
N ASP A 11 27.94 44.97 29.82
CA ASP A 11 27.07 44.82 28.65
C ASP A 11 26.63 43.36 28.60
N PHE A 12 25.41 43.09 29.08
CA PHE A 12 24.96 41.71 29.20
C PHE A 12 24.75 41.06 27.83
N ALA A 13 24.15 41.80 26.89
CA ALA A 13 23.84 41.22 25.58
C ALA A 13 25.09 40.84 24.81
N ALA A 14 26.20 41.55 25.06
CA ALA A 14 27.45 41.28 24.37
C ALA A 14 28.26 40.16 25.02
N ALA A 15 27.80 39.60 26.13
CA ALA A 15 28.56 38.58 26.84
C ALA A 15 28.43 37.20 26.22
N GLY A 16 27.44 37.00 25.34
CA GLY A 16 27.27 35.73 24.65
C GLY A 16 26.97 34.55 25.54
N GLY A 17 26.26 34.76 26.65
CA GLY A 17 25.90 33.65 27.52
C GLY A 17 26.97 33.22 28.50
N GLU A 18 28.16 33.84 28.46
CA GLU A 18 29.23 33.52 29.39
C GLU A 18 29.22 34.40 30.63
N LEU A 19 28.11 35.12 30.87
CA LEU A 19 27.96 35.99 32.04
C LEU A 19 26.76 35.52 32.83
N GLY A 20 27.00 34.92 33.99
CA GLY A 20 25.93 34.45 34.86
C GLY A 20 25.72 35.40 36.03
N TRP A 21 24.45 35.62 36.35
CA TRP A 21 24.06 36.55 37.40
C TRP A 21 23.41 35.80 38.56
N LEU A 22 23.46 36.41 39.73
CA LEU A 22 22.97 35.79 40.95
C LEU A 22 21.45 35.91 41.03
N THR A 23 20.81 34.84 41.48
CA THR A 23 19.37 34.80 41.70
C THR A 23 19.12 34.37 43.13
N HIS A 24 18.50 35.25 43.93
CA HIS A 24 18.35 34.93 45.35
C HIS A 24 17.38 33.78 45.57
N PRO A 25 16.15 33.80 45.05
CA PRO A 25 15.41 32.53 44.95
C PRO A 25 15.96 31.72 43.80
N TYR A 26 16.76 30.71 44.10
CA TYR A 26 17.42 29.92 43.07
C TYR A 26 16.46 28.84 42.57
N GLY A 27 16.10 28.91 41.30
CA GLY A 27 15.15 27.98 40.73
C GLY A 27 13.86 28.67 40.37
N LYS A 28 13.16 29.20 41.37
CA LYS A 28 12.03 30.07 41.12
C LYS A 28 12.53 31.45 40.71
N GLY A 29 11.59 32.30 40.31
CA GLY A 29 11.96 33.66 39.97
C GLY A 29 12.79 33.74 38.70
N TRP A 30 13.80 34.60 38.72
CA TRP A 30 14.59 34.86 37.53
C TRP A 30 15.34 33.61 37.08
N ASP A 31 15.38 33.40 35.78
CA ASP A 31 16.10 32.29 35.17
C ASP A 31 16.86 32.79 33.96
N LEU A 32 18.03 32.20 33.73
CA LEU A 32 18.82 32.49 32.52
C LEU A 32 18.29 31.62 31.39
N MET A 33 17.89 32.26 30.30
CA MET A 33 17.21 31.57 29.20
C MET A 33 17.83 31.95 27.87
N GLN A 34 17.91 30.96 26.98
CA GLN A 34 18.44 31.12 25.64
C GLN A 34 17.29 31.02 24.63
N ASN A 35 17.30 31.94 23.66
CA ASN A 35 16.50 31.83 22.44
C ASN A 35 17.43 32.01 21.26
N ILE A 36 16.91 31.79 20.06
CA ILE A 36 17.69 31.96 18.84
C ILE A 36 16.94 32.94 17.95
N MET A 37 17.54 34.10 17.71
CA MET A 37 16.99 35.14 16.86
C MET A 37 17.95 35.36 15.69
N ASN A 38 17.41 35.33 14.48
CA ASN A 38 18.22 35.51 13.26
C ASN A 38 19.37 34.51 13.22
N ASP A 39 19.11 33.31 13.74
CA ASP A 39 20.08 32.21 13.79
C ASP A 39 21.26 32.51 14.70
N MET A 40 21.10 33.45 15.63
CA MET A 40 22.13 33.75 16.62
C MET A 40 21.55 33.59 18.02
N PRO A 41 22.34 33.09 18.98
CA PRO A 41 21.81 32.87 20.34
C PRO A 41 21.69 34.19 21.09
N ILE A 42 20.47 34.51 21.51
CA ILE A 42 20.18 35.68 22.33
C ILE A 42 19.78 35.20 23.71
N TYR A 43 20.47 35.70 24.73
CA TYR A 43 20.23 35.29 26.11
C TYR A 43 19.45 36.37 26.86
N MET A 44 18.82 35.97 27.95
CA MET A 44 18.02 36.90 28.74
C MET A 44 17.82 36.33 30.13
N TYR A 45 17.42 37.21 31.05
CA TYR A 45 16.98 36.79 32.38
C TYR A 45 15.50 37.07 32.48
N SER A 46 14.71 36.03 32.69
CA SER A 46 13.27 36.14 32.60
C SER A 46 12.60 35.56 33.84
N VAL A 47 11.44 36.11 34.16
CA VAL A 47 10.66 35.67 35.32
C VAL A 47 9.19 35.92 35.03
N CYS A 48 8.33 34.99 35.45
CA CYS A 48 6.92 35.12 35.11
C CYS A 48 6.03 34.36 36.09
N ASN A 49 6.27 34.50 37.39
CA ASN A 49 5.42 33.89 38.41
C ASN A 49 4.26 34.83 38.72
N VAL A 50 3.30 34.86 37.78
CA VAL A 50 2.21 35.82 37.87
C VAL A 50 0.99 35.28 38.61
N MET A 51 0.78 33.97 38.60
CA MET A 51 -0.39 33.36 39.21
C MET A 51 -0.11 32.84 40.63
N SER A 52 0.79 33.50 41.37
CA SER A 52 1.25 32.96 42.65
C SER A 52 1.19 33.95 43.81
N GLY A 53 1.01 35.23 43.55
CA GLY A 53 0.83 36.20 44.62
C GLY A 53 2.14 36.87 45.00
N ASP A 54 2.49 36.79 46.28
CA ASP A 54 3.74 37.38 46.74
C ASP A 54 4.94 36.73 46.07
N GLN A 55 5.90 37.55 45.64
CA GLN A 55 7.02 37.04 44.86
C GLN A 55 8.37 37.42 45.45
N ASP A 56 8.80 38.66 45.23
CA ASP A 56 10.08 39.16 45.74
C ASP A 56 11.25 38.32 45.22
N ASN A 57 11.44 38.38 43.90
CA ASN A 57 12.47 37.61 43.22
C ASN A 57 13.61 38.53 42.81
N TRP A 58 14.82 38.25 43.29
CA TRP A 58 15.94 39.14 43.08
C TRP A 58 16.94 38.56 42.07
N LEU A 59 17.54 39.46 41.30
CA LEU A 59 18.55 39.12 40.30
C LEU A 59 19.68 40.12 40.43
N ARG A 60 20.86 39.67 40.83
CA ARG A 60 22.00 40.55 41.07
C ARG A 60 23.06 40.32 40.00
N THR A 61 23.56 41.40 39.42
CA THR A 61 24.58 41.31 38.39
C THR A 61 25.93 40.95 39.01
N ASN A 62 26.91 40.74 38.15
CA ASN A 62 28.27 40.53 38.59
C ASN A 62 28.84 41.81 39.20
N TRP A 63 30.04 41.72 39.76
CA TRP A 63 30.71 42.89 40.30
C TRP A 63 31.33 43.69 39.17
N VAL A 64 31.10 45.00 39.16
CA VAL A 64 31.53 45.88 38.09
C VAL A 64 32.54 46.87 38.67
N TYR A 65 33.81 46.70 38.30
CA TYR A 65 34.84 47.60 38.80
C TYR A 65 34.60 49.02 38.29
N ARG A 66 34.56 49.97 39.22
CA ARG A 66 34.18 51.33 38.89
C ARG A 66 35.19 51.97 37.94
N GLY A 67 36.44 52.09 38.38
CA GLY A 67 37.45 52.75 37.56
C GLY A 67 37.28 54.24 37.61
N GLU A 68 37.32 54.88 36.43
CA GLU A 68 37.15 56.33 36.35
C GLU A 68 35.68 56.75 36.36
N ALA A 69 34.75 55.80 36.47
CA ALA A 69 33.34 56.12 36.37
C ALA A 69 32.87 56.86 37.62
N GLU A 70 32.32 58.05 37.45
CA GLU A 70 31.73 58.81 38.54
C GLU A 70 30.21 58.90 38.40
N ARG A 71 29.72 59.18 37.19
CA ARG A 71 28.30 59.24 36.88
C ARG A 71 28.04 58.23 35.77
N ILE A 72 27.28 57.18 36.10
CA ILE A 72 27.03 56.08 35.17
C ILE A 72 25.58 56.11 34.72
N PHE A 73 25.35 55.56 33.53
CA PHE A 73 24.02 55.42 32.95
C PHE A 73 23.70 53.94 32.79
N ILE A 74 22.52 53.54 33.25
CA ILE A 74 22.05 52.17 33.14
C ILE A 74 20.97 52.13 32.07
N GLU A 75 21.17 51.27 31.06
CA GLU A 75 20.25 51.14 29.93
C GLU A 75 19.66 49.74 29.94
N LEU A 76 18.35 49.66 30.20
CA LEU A 76 17.63 48.40 30.25
C LEU A 76 16.80 48.21 28.98
N LYS A 77 16.95 47.06 28.35
CA LYS A 77 16.10 46.63 27.25
C LYS A 77 15.35 45.38 27.70
N PHE A 78 14.02 45.45 27.72
CA PHE A 78 13.24 44.39 28.33
C PHE A 78 11.84 44.37 27.75
N THR A 79 11.21 43.20 27.81
CA THR A 79 9.82 43.03 27.42
C THR A 79 8.97 42.66 28.63
N VAL A 80 7.75 43.19 28.67
CA VAL A 80 6.79 42.89 29.73
C VAL A 80 5.55 42.31 29.08
N ARG A 81 5.15 41.11 29.51
CA ARG A 81 3.96 40.48 28.98
C ARG A 81 2.71 41.07 29.63
N ASP A 82 1.72 41.42 28.82
CA ASP A 82 0.51 42.03 29.31
C ASP A 82 -0.19 41.11 30.32
N CYS A 83 -0.51 41.66 31.48
CA CYS A 83 -1.18 40.89 32.52
C CYS A 83 -2.56 40.40 32.09
N ASN A 84 -3.20 41.06 31.14
CA ASN A 84 -4.49 40.60 30.62
C ASN A 84 -4.34 39.48 29.61
N SER A 85 -3.11 39.05 29.32
CA SER A 85 -2.86 37.87 28.49
C SER A 85 -2.79 36.60 29.31
N PHE A 86 -3.18 36.66 30.60
CA PHE A 86 -3.25 35.51 31.47
C PHE A 86 -4.71 35.24 31.86
N PRO A 87 -5.11 33.96 31.94
CA PRO A 87 -6.50 33.66 32.29
C PRO A 87 -6.91 34.10 33.70
N GLY A 88 -5.95 34.41 34.56
CA GLY A 88 -6.26 34.87 35.90
C GLY A 88 -6.57 36.35 35.98
N ALA A 90 -5.42 34.46 38.97
CA ALA A 90 -4.86 35.25 40.06
C ALA A 90 -4.46 36.65 39.59
N SER A 91 -5.33 37.62 39.86
CA SER A 91 -5.09 39.01 39.48
C SER A 91 -4.23 39.71 40.54
N SER A 92 -3.02 39.18 40.72
CA SER A 92 -2.02 39.81 41.58
C SER A 92 -0.72 40.09 40.82
N CYS A 93 -0.70 39.91 39.51
CA CYS A 93 0.47 40.17 38.71
C CYS A 93 0.68 41.66 38.51
N LYS A 94 1.93 42.04 38.25
CA LYS A 94 2.30 43.42 38.00
C LYS A 94 2.94 43.54 36.63
N GLU A 95 3.09 44.78 36.15
CA GLU A 95 3.69 45.05 34.86
C GLU A 95 4.93 45.93 34.98
N THR A 96 5.51 46.02 36.18
CA THR A 96 6.74 46.75 36.41
C THR A 96 7.70 45.87 37.19
N PHE A 97 8.92 46.36 37.37
CA PHE A 97 9.85 45.75 38.33
C PHE A 97 10.69 46.86 38.94
N ASN A 98 11.68 46.49 39.74
CA ASN A 98 12.46 47.48 40.50
C ASN A 98 13.93 47.36 40.19
N LEU A 99 14.60 48.50 40.03
CA LEU A 99 16.03 48.57 39.79
C LEU A 99 16.70 49.16 41.03
N TYR A 100 17.62 48.40 41.60
CA TYR A 100 18.45 48.76 42.75
C TYR A 100 19.92 48.74 42.34
N TYR A 101 20.77 49.32 43.20
CA TYR A 101 22.21 49.18 43.03
C TYR A 101 22.85 49.20 44.42
N ALA A 102 24.13 48.83 44.46
CA ALA A 102 24.85 48.79 45.74
C ALA A 102 26.35 48.81 45.48
N GLU A 103 27.07 49.68 46.18
CA GLU A 103 28.50 49.83 45.99
C GLU A 103 29.27 49.02 47.03
N SER A 104 30.45 48.54 46.64
CA SER A 104 31.31 47.79 47.54
C SER A 104 32.75 47.87 47.04
N ASP A 105 33.70 47.90 47.99
CA ASP A 105 35.11 47.91 47.64
C ASP A 105 35.61 46.53 47.22
N LEU A 106 34.86 45.47 47.52
CA LEU A 106 35.30 44.11 47.23
C LEU A 106 34.14 43.33 46.63
N ASP A 107 34.47 42.21 46.01
CA ASP A 107 33.46 41.32 45.45
C ASP A 107 32.97 40.38 46.55
N TYR A 108 31.69 40.47 46.87
CA TYR A 108 31.10 39.60 47.90
C TYR A 108 30.79 38.21 47.38
N GLY A 109 30.70 38.04 46.07
CA GLY A 109 30.51 36.71 45.51
C GLY A 109 29.05 36.30 45.55
N THR A 110 28.78 35.13 46.11
CA THR A 110 27.42 34.63 46.18
C THR A 110 26.65 35.18 47.38
N ASN A 111 27.31 35.92 48.27
CA ASN A 111 26.61 36.54 49.40
C ASN A 111 25.71 37.66 48.89
N PHE A 112 24.43 37.57 49.22
CA PHE A 112 23.44 38.54 48.75
C PHE A 112 22.66 39.05 49.96
N GLN A 113 22.75 40.36 50.20
CA GLN A 113 22.03 41.01 51.29
C GLN A 113 21.22 42.16 50.71
N LYS A 114 19.89 42.03 50.76
CA LYS A 114 19.02 43.09 50.26
C LYS A 114 19.17 44.38 51.06
N ARG A 115 19.76 44.30 52.27
CA ARG A 115 19.89 45.47 53.12
C ARG A 115 20.81 46.53 52.51
N LEU A 116 21.79 46.11 51.71
CA LEU A 116 22.80 47.02 51.19
C LEU A 116 22.40 47.67 49.86
N PHE A 117 21.26 47.29 49.28
CA PHE A 117 20.90 47.72 47.93
C PHE A 117 19.94 48.90 48.00
N THR A 118 20.32 49.99 47.33
CA THR A 118 19.51 51.20 47.28
C THR A 118 18.63 51.17 46.05
N LYS A 119 17.34 51.47 46.22
CA LYS A 119 16.42 51.47 45.09
C LYS A 119 16.72 52.64 44.17
N ILE A 120 17.07 52.34 42.92
CA ILE A 120 17.21 53.39 41.92
C ILE A 120 15.83 53.87 41.48
N ASP A 121 15.03 52.97 40.91
CA ASP A 121 13.71 53.42 40.45
C ASP A 121 12.86 52.22 40.05
N THR A 122 11.56 52.48 39.91
CA THR A 122 10.63 51.50 39.35
C THR A 122 10.66 51.59 37.83
N ILE A 123 10.90 50.44 37.19
CA ILE A 123 10.98 50.35 35.74
C ILE A 123 9.64 49.83 35.23
N ALA A 124 9.01 50.61 34.37
CA ALA A 124 7.70 50.34 33.80
C ALA A 124 7.70 50.74 32.33
N PRO A 125 6.81 50.14 31.52
CA PRO A 125 6.69 50.55 30.12
C PRO A 125 6.19 51.98 29.95
N LEU A 141 9.63 46.14 22.64
CA LEU A 141 10.91 46.28 23.32
C LEU A 141 10.99 47.61 24.08
N ASN A 142 11.01 47.54 25.41
CA ASN A 142 11.08 48.72 26.25
C ASN A 142 12.54 49.07 26.52
N VAL A 143 12.90 50.31 26.22
CA VAL A 143 14.24 50.84 26.45
C VAL A 143 14.12 51.93 27.51
N GLU A 144 14.70 51.67 28.69
CA GLU A 144 14.71 52.61 29.79
C GLU A 144 16.14 52.99 30.13
N GLU A 145 16.32 54.20 30.65
CA GLU A 145 17.66 54.64 31.04
C GLU A 145 17.57 55.44 32.32
N ARG A 146 18.42 55.08 33.28
CA ARG A 146 18.52 55.80 34.55
C ARG A 146 19.97 56.22 34.75
N SER A 147 20.16 57.16 35.67
CA SER A 147 21.49 57.70 35.96
C SER A 147 21.78 57.55 37.44
N VAL A 148 23.02 57.21 37.76
CA VAL A 148 23.46 57.07 39.15
C VAL A 148 24.80 57.78 39.31
N GLY A 149 24.95 58.54 40.39
CA GLY A 149 26.17 59.25 40.67
C GLY A 149 26.02 60.22 41.83
N PRO A 150 27.12 60.50 42.54
CA PRO A 150 28.46 59.97 42.25
C PRO A 150 28.78 58.67 42.98
N LEU A 151 29.55 57.81 42.34
CA LEU A 151 29.99 56.57 42.94
C LEU A 151 31.32 56.77 43.65
N THR A 152 31.48 56.11 44.80
CA THR A 152 32.64 56.31 45.64
C THR A 152 33.46 55.05 45.90
N ARG A 153 32.83 53.88 45.91
CA ARG A 153 33.54 52.65 46.24
C ARG A 153 34.11 52.00 44.98
N LYS A 154 34.97 51.01 45.20
CA LYS A 154 35.77 50.46 44.10
C LYS A 154 34.91 49.82 43.02
N GLY A 155 33.75 49.28 43.38
CA GLY A 155 32.89 48.64 42.41
C GLY A 155 31.44 48.73 42.85
N PHE A 156 30.56 48.17 42.01
CA PHE A 156 29.14 48.20 42.30
C PHE A 156 28.44 47.02 41.66
N TYR A 157 27.32 46.61 42.25
CA TYR A 157 26.37 45.68 41.68
C TYR A 157 25.09 46.42 41.32
N LEU A 158 24.41 45.92 40.29
CA LEU A 158 23.02 46.24 40.04
C LEU A 158 22.13 45.10 40.53
N ALA A 159 20.86 45.40 40.74
CA ALA A 159 19.90 44.39 41.18
C ALA A 159 18.53 44.70 40.59
N PHE A 160 17.79 43.63 40.31
CA PHE A 160 16.45 43.73 39.75
C PHE A 160 15.51 42.91 40.61
N GLN A 161 14.42 43.53 41.04
CA GLN A 161 13.44 42.89 41.92
C GLN A 161 12.11 42.74 41.18
N ASP A 162 11.63 41.50 41.15
CA ASP A 162 10.34 41.15 40.57
C ASP A 162 9.31 40.99 41.68
N ILE A 163 8.19 41.69 41.54
CA ILE A 163 7.11 41.66 42.52
C ILE A 163 5.88 40.97 41.95
N GLY A 164 6.07 40.11 40.95
CA GLY A 164 4.97 39.36 40.37
C GLY A 164 4.69 39.72 38.91
N ALA A 165 5.73 39.94 38.13
CA ALA A 165 5.58 40.34 36.74
C ALA A 165 6.05 39.24 35.81
N CYS A 166 5.84 39.46 34.52
CA CYS A 166 6.25 38.54 33.45
C CYS A 166 7.21 39.30 32.54
N VAL A 167 8.48 39.35 32.95
CA VAL A 167 9.49 40.20 32.33
C VAL A 167 10.57 39.33 31.70
N ALA A 168 11.05 39.74 30.53
CA ALA A 168 12.22 39.17 29.88
C ALA A 168 13.23 40.30 29.68
N LEU A 169 14.30 40.29 30.47
CA LEU A 169 15.34 41.32 30.41
C LEU A 169 16.43 40.84 29.47
N LEU A 170 16.57 41.51 28.32
CA LEU A 170 17.46 41.07 27.26
C LEU A 170 18.80 41.80 27.23
N SER A 171 18.83 43.06 27.64
CA SER A 171 20.05 43.85 27.60
C SER A 171 20.16 44.73 28.83
N VAL A 172 21.36 44.77 29.40
CA VAL A 172 21.73 45.68 30.48
C VAL A 172 23.13 46.17 30.16
N ARG A 173 23.27 47.46 29.86
CA ARG A 173 24.58 48.03 29.62
C ARG A 173 24.78 49.27 30.48
N VAL A 174 25.89 49.30 31.21
CA VAL A 174 26.27 50.42 32.06
C VAL A 174 27.49 51.10 31.43
N TYR A 175 27.48 52.43 31.42
CA TYR A 175 28.53 53.17 30.74
C TYR A 175 28.64 54.56 31.35
N TYR A 176 29.72 55.25 31.01
CA TYR A 176 29.88 56.65 31.39
C TYR A 176 30.35 57.46 30.19
N LYS A 177 30.00 58.74 30.20
CA LYS A 177 30.19 59.60 29.02
C LYS A 177 31.61 60.16 28.99
N LYS A 178 32.25 60.06 27.83
CA LYS A 178 33.59 60.59 27.58
C LYS A 178 34.60 60.11 28.62
N ARG B 12 22.96 10.80 27.89
CA ARG B 12 22.84 10.28 26.54
C ARG B 12 21.63 9.37 26.40
N SER B 13 21.42 8.50 27.38
CA SER B 13 20.28 7.61 27.37
C SER B 13 18.99 8.37 27.63
N ALA B 14 17.87 7.79 27.19
CA ALA B 14 16.57 8.44 27.38
C ALA B 14 16.25 8.57 28.87
N THR B 15 16.52 7.52 29.66
CA THR B 15 16.32 7.62 31.10
C THR B 15 17.22 8.68 31.71
N GLN B 16 18.44 8.81 31.20
CA GLN B 16 19.35 9.85 31.68
C GLN B 16 18.81 11.23 31.34
N LEU B 17 18.24 11.40 30.14
CA LEU B 17 17.68 12.69 29.75
C LEU B 17 16.42 13.04 30.52
N ILE B 18 15.63 12.03 30.89
CA ILE B 18 14.41 12.29 31.65
C ILE B 18 14.76 12.81 33.04
N ASN B 19 15.65 12.12 33.76
CA ASN B 19 16.28 12.64 34.97
C ASN B 19 15.24 12.94 36.06
N GLY B 20 14.49 11.92 36.44
CA GLY B 20 13.50 12.07 37.49
C GLY B 20 12.34 12.97 37.16
N ARG B 21 12.16 13.36 35.91
CA ARG B 21 10.98 14.13 35.50
C ARG B 21 9.84 13.16 35.23
N THR B 22 8.79 13.22 36.06
CA THR B 22 7.69 12.28 35.92
C THR B 22 6.87 12.58 34.66
N ASN B 23 6.57 13.84 34.41
CA ASN B 23 5.67 14.23 33.34
C ASN B 23 6.41 15.03 32.28
N LEU B 24 6.03 14.82 31.03
CA LEU B 24 6.18 15.81 29.98
C LEU B 24 4.94 16.69 30.04
N SER B 25 5.12 17.94 30.43
CA SER B 25 4.02 18.87 30.60
C SER B 25 3.78 19.66 29.32
N ILE B 26 2.50 19.86 29.00
CA ILE B 26 2.06 20.53 27.79
C ILE B 26 1.17 21.69 28.23
N GLU B 27 1.67 22.91 28.12
CA GLU B 27 0.98 24.09 28.61
C GLU B 27 0.32 24.85 27.47
N LEU B 28 -0.89 25.36 27.73
CA LEU B 28 -1.55 26.30 26.84
C LEU B 28 -1.28 27.70 27.37
N GLU B 29 -0.49 28.48 26.62
CA GLU B 29 0.01 29.74 27.14
C GLU B 29 -1.10 30.75 27.41
N PHE B 30 -2.23 30.63 26.72
CA PHE B 30 -3.30 31.59 26.86
C PHE B 30 -4.60 30.99 27.38
N ASN B 31 -4.65 29.67 27.58
CA ASN B 31 -5.81 29.05 28.19
C ASN B 31 -5.60 28.72 29.66
N GLY B 32 -4.36 28.41 30.06
CA GLY B 32 -4.06 28.14 31.44
C GLY B 32 -4.18 26.70 31.87
N THR B 33 -4.72 25.83 31.02
CA THR B 33 -4.82 24.41 31.34
C THR B 33 -3.57 23.68 30.87
N SER B 34 -3.29 22.56 31.52
CA SER B 34 -2.08 21.80 31.26
C SER B 34 -2.41 20.32 31.09
N PHE B 35 -1.76 19.68 30.12
CA PHE B 35 -1.83 18.25 29.92
C PHE B 35 -0.50 17.61 30.30
N PHE B 36 -0.52 16.32 30.58
CA PHE B 36 0.68 15.64 31.05
C PHE B 36 0.77 14.26 30.43
N LEU B 37 1.98 13.91 29.98
CA LEU B 37 2.27 12.57 29.48
C LEU B 37 3.32 11.94 30.39
N ASN B 38 2.99 10.80 30.99
CA ASN B 38 3.92 10.12 31.87
C ASN B 38 5.09 9.58 31.04
N TRP B 39 6.31 10.01 31.40
CA TRP B 39 7.49 9.56 30.66
C TRP B 39 7.65 8.05 30.73
N GLN B 40 7.55 7.49 31.93
CA GLN B 40 7.72 6.05 32.09
C GLN B 40 6.62 5.29 31.36
N ASN B 41 5.39 5.78 31.41
CA ASN B 41 4.30 5.12 30.69
C ASN B 41 4.48 5.25 29.19
N LEU B 42 4.93 6.42 28.73
CA LEU B 42 5.24 6.57 27.31
C LEU B 42 6.30 5.58 26.87
N LEU B 43 7.32 5.36 27.69
CA LEU B 43 8.38 4.42 27.34
C LEU B 43 7.89 2.99 27.36
N ASN B 44 7.11 2.62 28.38
CA ASN B 44 6.61 1.24 28.48
C ASN B 44 5.69 0.91 27.31
N VAL B 45 4.70 1.76 27.05
CA VAL B 45 3.75 1.47 25.98
C VAL B 45 4.41 1.62 24.62
N ILE B 46 5.09 2.75 24.40
CA ILE B 46 5.76 3.04 23.14
C ILE B 46 7.25 3.01 23.39
N THR B 47 7.95 2.07 22.75
CA THR B 47 9.36 1.87 23.03
C THR B 47 10.17 3.14 22.74
N GLU B 48 11.32 3.25 23.40
CA GLU B 48 12.22 4.37 23.16
C GLU B 48 12.63 4.51 21.70
N PRO B 49 12.96 3.45 20.95
CA PRO B 49 13.23 3.65 19.52
C PRO B 49 12.06 4.23 18.76
N ALA B 50 10.84 3.78 19.07
CA ALA B 50 9.67 4.30 18.37
C ALA B 50 9.45 5.78 18.68
N LEU B 51 9.63 6.16 19.94
CA LEU B 51 9.52 7.57 20.31
C LEU B 51 10.57 8.40 19.58
N THR B 52 11.82 7.93 19.57
CA THR B 52 12.87 8.66 18.86
C THR B 52 12.54 8.82 17.39
N GLU B 53 12.08 7.73 16.75
CA GLU B 53 11.81 7.79 15.31
C GLU B 53 10.63 8.70 15.01
N LEU B 54 9.60 8.69 15.85
CA LEU B 54 8.48 9.60 15.65
C LEU B 54 8.93 11.04 15.82
N TRP B 55 9.75 11.31 16.83
CA TRP B 55 10.20 12.67 17.07
C TRP B 55 11.05 13.18 15.91
N THR B 56 11.95 12.34 15.40
CA THR B 56 12.79 12.75 14.29
C THR B 56 11.96 12.94 13.02
N SER B 57 11.08 11.99 12.72
CA SER B 57 10.26 12.08 11.52
C SER B 57 9.27 13.24 11.58
N ALA B 58 8.96 13.73 12.78
CA ALA B 58 7.97 14.80 12.90
C ALA B 58 8.45 16.09 12.24
N GLU B 59 9.75 16.35 12.29
CA GLU B 59 10.34 17.56 11.73
C GLU B 59 9.63 18.81 12.26
N VAL B 60 9.67 18.94 13.59
CA VAL B 60 8.92 19.99 14.28
C VAL B 60 9.51 21.37 14.06
N ALA B 61 10.74 21.48 13.55
CA ALA B 61 11.36 22.77 13.28
C ALA B 61 11.20 23.20 11.83
N GLU B 62 10.41 22.46 11.05
CA GLU B 62 10.16 22.83 9.66
C GLU B 62 9.45 24.17 9.58
N ASP B 63 9.87 25.00 8.63
CA ASP B 63 9.29 26.34 8.49
C ASP B 63 7.85 26.26 8.02
N LEU B 64 7.02 27.17 8.53
CA LEU B 64 5.60 27.12 8.25
C LEU B 64 5.29 27.35 6.77
N ARG B 65 6.15 28.08 6.06
CA ARG B 65 5.92 28.27 4.63
C ARG B 65 6.05 26.94 3.89
N VAL B 66 6.96 26.07 4.34
CA VAL B 66 7.09 24.75 3.74
C VAL B 66 5.83 23.94 3.97
N THR B 67 5.27 24.01 5.19
CA THR B 67 4.02 23.32 5.49
C THR B 67 2.88 23.85 4.62
N LEU B 68 2.83 25.17 4.43
CA LEU B 68 1.81 25.76 3.58
C LEU B 68 1.93 25.27 2.15
N LYS B 69 3.17 25.22 1.62
CA LYS B 69 3.37 24.73 0.26
C LYS B 69 3.00 23.25 0.15
N LYS B 70 3.30 22.47 1.19
CA LYS B 70 2.91 21.06 1.20
C LYS B 70 1.39 20.92 1.15
N ARG B 71 0.69 21.70 1.96
CA ARG B 71 -0.78 21.60 2.00
C ARG B 71 -1.40 22.05 0.68
N GLN B 72 -0.90 23.17 0.12
CA GLN B 72 -1.47 23.68 -1.13
C GLN B 72 -1.25 22.73 -2.30
N SER B 73 -0.30 21.81 -2.18
CA SER B 73 0.03 20.88 -3.25
C SER B 73 -0.97 19.73 -3.38
N LEU B 74 -1.93 19.62 -2.47
CA LEU B 74 -2.85 18.50 -2.43
C LEU B 74 -4.17 18.83 -3.12
N PHE B 75 -4.94 17.78 -3.41
CA PHE B 75 -6.27 17.88 -3.97
C PHE B 75 -7.26 17.43 -2.91
N PHE B 76 -8.14 18.34 -2.49
CA PHE B 76 -9.10 18.02 -1.44
C PHE B 76 -10.49 17.82 -2.03
N PRO B 77 -11.15 16.71 -1.73
CA PRO B 77 -12.44 16.42 -2.36
C PRO B 77 -13.52 17.40 -1.93
N ASN B 78 -14.64 17.37 -2.67
CA ASN B 78 -15.76 18.25 -2.40
C ASN B 78 -16.30 18.02 -0.99
N LYS B 79 -16.81 16.82 -0.74
CA LYS B 79 -17.38 16.47 0.56
C LYS B 79 -17.43 14.96 0.69
N THR B 80 -17.21 14.48 1.91
CA THR B 80 -17.25 13.04 2.15
C THR B 80 -18.65 12.48 1.92
N VAL B 81 -18.74 11.46 1.07
CA VAL B 81 -20.00 10.79 0.78
C VAL B 81 -20.16 9.62 1.74
N VAL B 82 -21.24 9.61 2.50
CA VAL B 82 -21.48 8.61 3.53
C VAL B 82 -22.58 7.67 3.06
N ILE B 83 -22.23 6.41 2.87
CA ILE B 83 -23.21 5.36 2.55
C ILE B 83 -23.72 4.79 3.86
N SER B 84 -25.04 4.73 4.00
CA SER B 84 -25.65 4.36 5.28
C SER B 84 -25.60 2.85 5.55
N GLY B 85 -25.12 2.06 4.61
CA GLY B 85 -25.07 0.62 4.79
C GLY B 85 -23.88 0.18 5.64
N ASP B 86 -23.71 -1.14 5.70
CA ASP B 86 -22.59 -1.76 6.38
C ASP B 86 -21.77 -2.64 5.45
N GLY B 87 -21.92 -2.47 4.14
CA GLY B 87 -21.33 -3.39 3.19
C GLY B 87 -22.20 -4.61 2.95
N HIS B 88 -21.61 -5.60 2.27
CA HIS B 88 -22.31 -6.85 2.02
C HIS B 88 -22.15 -7.77 3.23
N ARG B 89 -23.12 -8.68 3.39
CA ARG B 89 -23.06 -9.60 4.50
C ARG B 89 -22.01 -10.66 4.24
N TYR B 90 -21.49 -11.25 5.32
CA TYR B 90 -20.45 -12.26 5.20
C TYR B 90 -21.06 -13.56 4.70
N THR B 91 -20.57 -14.04 3.55
CA THR B 91 -21.12 -15.22 2.90
C THR B 91 -20.55 -16.52 3.43
N CYS B 92 -19.44 -16.47 4.18
CA CYS B 92 -18.79 -17.67 4.68
C CYS B 92 -19.16 -17.97 6.13
N GLU B 93 -20.30 -17.48 6.61
CA GLU B 93 -20.73 -17.80 7.97
C GLU B 93 -21.14 -19.25 8.07
N VAL B 94 -20.72 -19.90 9.16
CA VAL B 94 -20.99 -21.32 9.37
C VAL B 94 -22.43 -21.50 9.85
N PRO B 95 -23.27 -22.23 9.12
CA PRO B 95 -24.60 -22.55 9.62
C PRO B 95 -24.55 -23.68 10.64
N THR B 96 -25.54 -23.69 11.54
CA THR B 96 -25.63 -24.74 12.54
C THR B 96 -25.91 -26.12 11.95
N SER B 97 -26.01 -26.22 10.62
CA SER B 97 -26.18 -27.48 9.92
C SER B 97 -24.87 -28.22 9.69
N SER B 98 -23.76 -27.71 10.22
CA SER B 98 -22.45 -28.30 10.00
C SER B 98 -21.64 -28.22 11.29
N GLN B 99 -20.51 -28.92 11.30
CA GLN B 99 -19.66 -29.02 12.48
C GLN B 99 -18.55 -27.97 12.45
N THR B 100 -17.89 -27.83 13.60
CA THR B 100 -16.77 -26.91 13.76
C THR B 100 -15.63 -27.61 14.48
N TYR B 101 -14.39 -27.21 14.17
CA TYR B 101 -13.22 -27.85 14.74
C TYR B 101 -12.20 -26.79 15.15
N ASN B 102 -11.52 -27.06 16.27
CA ASN B 102 -10.39 -26.26 16.71
C ASN B 102 -9.09 -26.96 16.35
N ILE B 103 -8.02 -26.18 16.22
CA ILE B 103 -6.72 -26.71 15.82
C ILE B 103 -5.60 -26.09 16.64
N TYR B 109 -4.36 -34.52 13.06
CA TYR B 109 -4.82 -33.89 11.83
C TYR B 109 -5.56 -34.91 10.96
N SER B 110 -5.66 -36.13 11.47
CA SER B 110 -6.35 -37.19 10.74
C SER B 110 -7.86 -37.04 10.74
N ALA B 111 -8.41 -36.18 11.59
CA ALA B 111 -9.85 -35.94 11.63
C ALA B 111 -10.34 -35.43 10.29
N LEU B 112 -10.97 -36.30 9.51
CA LEU B 112 -11.39 -36.00 8.15
C LEU B 112 -12.90 -36.00 8.06
N PRO B 113 -13.55 -34.83 7.99
CA PRO B 113 -15.02 -34.78 7.83
C PRO B 113 -15.43 -34.97 6.37
N GLY B 114 -15.06 -36.10 5.81
CA GLY B 114 -15.43 -36.39 4.43
C GLY B 114 -14.57 -35.56 3.50
N HIS B 115 -15.21 -34.97 2.50
CA HIS B 115 -14.54 -34.11 1.54
C HIS B 115 -15.46 -32.93 1.23
N LEU B 116 -15.16 -32.23 0.14
CA LEU B 116 -15.86 -31.05 -0.36
C LEU B 116 -15.86 -29.88 0.60
N GLY B 117 -15.19 -29.98 1.75
CA GLY B 117 -15.09 -28.87 2.67
C GLY B 117 -16.40 -28.31 3.20
N GLY B 118 -17.25 -29.16 3.74
CA GLY B 118 -18.55 -28.72 4.20
C GLY B 118 -18.64 -28.50 5.70
N PHE B 119 -17.50 -28.19 6.33
CA PHE B 119 -17.44 -27.97 7.76
C PHE B 119 -16.81 -26.61 8.05
N GLY B 120 -16.56 -26.34 9.32
CA GLY B 120 -16.02 -25.06 9.74
C GLY B 120 -14.82 -25.24 10.63
N ILE B 121 -13.95 -24.24 10.63
CA ILE B 121 -12.72 -24.25 11.41
C ILE B 121 -12.54 -22.90 12.08
N ASN B 122 -11.84 -22.91 13.22
CA ASN B 122 -11.55 -21.66 13.93
C ASN B 122 -10.55 -20.84 13.13
N ALA B 123 -10.87 -19.57 12.93
CA ALA B 123 -10.09 -18.69 12.07
C ALA B 123 -8.85 -18.11 12.75
N ARG B 124 -8.59 -18.48 14.02
CA ARG B 124 -7.44 -17.91 14.72
C ARG B 124 -6.12 -18.30 14.05
N LEU B 125 -6.04 -19.50 13.49
CA LEU B 125 -4.80 -19.94 12.85
C LEU B 125 -4.68 -19.40 11.43
N VAL B 126 -5.79 -19.39 10.68
CA VAL B 126 -5.72 -18.91 9.30
C VAL B 126 -5.51 -17.41 9.26
N LEU B 127 -5.94 -16.69 10.31
CA LEU B 127 -5.64 -15.27 10.40
C LEU B 127 -4.16 -15.06 10.66
N GLY B 128 -3.56 -15.88 11.53
CA GLY B 128 -2.15 -15.80 11.79
C GLY B 128 -1.28 -16.15 10.60
N ASP B 129 -1.83 -16.85 9.62
CA ASP B 129 -1.09 -17.14 8.39
C ASP B 129 -1.08 -15.94 7.46
N ILE B 130 -2.13 -15.14 7.44
CA ILE B 130 -2.17 -13.94 6.60
C ILE B 130 -1.17 -12.91 7.12
N PHE B 131 -1.27 -12.57 8.39
CA PHE B 131 -0.41 -11.56 9.01
C PHE B 131 0.59 -12.25 9.94
N ALA B 132 1.55 -12.93 9.34
CA ALA B 132 2.54 -13.68 10.09
C ALA B 132 3.87 -12.95 10.24
N SER B 133 4.12 -11.93 9.43
CA SER B 133 5.36 -11.17 9.47
C SER B 133 5.07 -9.69 9.56
N LYS B 134 5.85 -8.97 10.35
CA LYS B 134 5.66 -7.53 10.52
C LYS B 134 6.60 -6.76 9.60
N TRP B 135 6.19 -5.53 9.29
CA TRP B 135 6.93 -4.66 8.39
C TRP B 135 6.91 -3.24 8.94
N SER B 136 8.04 -2.54 8.77
CA SER B 136 8.14 -1.13 9.11
C SER B 136 7.83 -0.29 7.88
N LEU B 137 6.92 0.66 8.03
CA LEU B 137 6.41 1.44 6.93
C LEU B 137 6.67 2.93 7.16
N PHE B 138 6.74 3.66 6.04
CA PHE B 138 6.95 5.11 6.04
C PHE B 138 8.31 5.46 6.61
N ALA B 139 9.33 4.74 6.16
CA ALA B 139 10.69 4.96 6.61
C ALA B 139 11.24 6.26 6.03
N ARG B 140 12.40 6.67 6.55
CA ARG B 140 12.95 8.00 6.28
C ARG B 140 13.16 8.23 4.79
N ASP B 141 13.76 7.26 4.10
CA ASP B 141 14.10 7.43 2.69
C ASP B 141 12.90 7.33 1.76
N THR B 142 11.73 6.97 2.27
CA THR B 142 10.60 6.73 1.39
C THR B 142 9.82 8.02 1.13
N PRO B 143 9.13 8.13 -0.01
CA PRO B 143 8.32 9.32 -0.27
C PRO B 143 7.07 9.39 0.60
N GLU B 144 6.52 8.25 1.02
CA GLU B 144 5.36 8.27 1.90
C GLU B 144 5.69 8.85 3.27
N TYR B 145 6.97 8.86 3.65
CA TYR B 145 7.43 9.55 4.85
C TYR B 145 7.02 11.01 4.86
N ARG B 146 6.74 11.59 3.69
CA ARG B 146 6.36 12.99 3.62
C ARG B 146 5.00 13.24 4.25
N VAL B 147 4.16 12.22 4.31
CA VAL B 147 2.79 12.40 4.81
C VAL B 147 2.44 11.47 5.96
N PHE B 148 3.12 10.34 6.13
CA PHE B 148 2.80 9.39 7.18
C PHE B 148 3.91 9.34 8.21
N TYR B 149 3.54 9.06 9.46
CA TYR B 149 4.54 8.76 10.48
C TYR B 149 4.93 7.28 10.40
N PRO B 150 6.22 6.97 10.54
CA PRO B 150 6.64 5.57 10.42
C PRO B 150 5.96 4.69 11.47
N MET B 151 5.59 3.48 11.05
CA MET B 151 4.88 2.58 11.96
C MET B 151 5.15 1.14 11.57
N ASN B 152 5.06 0.25 12.56
CA ASN B 152 5.31 -1.18 12.37
C ASN B 152 4.00 -1.93 12.47
N VAL B 153 3.65 -2.70 11.42
CA VAL B 153 2.37 -3.40 11.37
C VAL B 153 2.56 -4.80 10.82
N MET B 154 1.70 -5.72 11.26
CA MET B 154 1.58 -7.03 10.63
C MET B 154 0.81 -6.87 9.35
N ALA B 155 1.41 -7.24 8.22
CA ALA B 155 0.82 -6.90 6.94
C ALA B 155 1.34 -7.82 5.84
N VAL B 156 0.78 -7.63 4.64
CA VAL B 156 1.18 -8.32 3.43
C VAL B 156 1.53 -7.24 2.40
N LYS B 157 2.72 -7.36 1.82
CA LYS B 157 3.24 -6.31 0.94
C LYS B 157 3.12 -6.72 -0.52
N PHE B 158 2.77 -5.75 -1.37
CA PHE B 158 2.65 -5.91 -2.81
C PHE B 158 3.50 -4.84 -3.48
N SER B 159 4.17 -5.20 -4.58
CA SER B 159 5.09 -4.26 -5.22
C SER B 159 5.20 -4.57 -6.71
N ILE B 160 4.88 -3.57 -7.53
CA ILE B 160 5.07 -3.61 -8.97
C ILE B 160 6.04 -2.50 -9.36
N SER B 161 6.93 -2.79 -10.31
CA SER B 161 7.91 -1.83 -10.79
C SER B 161 7.86 -1.82 -12.32
N ILE B 162 7.34 -0.75 -12.90
CA ILE B 162 7.09 -0.69 -14.34
C ILE B 162 8.06 0.29 -14.96
N GLY B 163 8.99 -0.22 -15.76
CA GLY B 163 9.97 0.58 -16.46
C GLY B 163 11.28 0.67 -15.72
N ASN B 164 12.20 1.43 -16.32
CA ASN B 164 13.54 1.59 -15.78
C ASN B 164 13.53 2.58 -14.61
N ASN B 165 14.67 2.65 -13.90
CA ASN B 165 14.78 3.48 -12.71
C ASN B 165 14.81 4.97 -13.02
N GLU B 166 15.04 5.36 -14.28
CA GLU B 166 15.06 6.76 -14.68
C GLU B 166 13.70 7.27 -15.17
N SER B 167 12.95 6.46 -15.93
CA SER B 167 11.68 6.89 -16.51
C SER B 167 10.47 6.15 -15.96
N GLY B 168 10.67 5.03 -15.28
CA GLY B 168 9.57 4.17 -14.86
C GLY B 168 8.82 4.71 -13.65
N VAL B 169 7.93 3.86 -13.13
CA VAL B 169 7.16 4.15 -11.94
C VAL B 169 7.24 2.96 -11.00
N ALA B 170 6.98 3.22 -9.71
CA ALA B 170 6.98 2.22 -8.67
C ALA B 170 5.64 2.27 -7.94
N LEU B 171 4.91 1.16 -7.96
CA LEU B 171 3.67 1.04 -7.22
C LEU B 171 3.89 0.05 -6.08
N TYR B 172 3.50 0.42 -4.87
CA TYR B 172 3.68 -0.51 -3.78
C TYR B 172 2.66 -0.26 -2.69
N GLY B 173 2.13 -1.35 -2.13
CA GLY B 173 1.07 -1.26 -1.16
C GLY B 173 1.20 -2.30 -0.07
N VAL B 174 0.33 -2.16 0.93
CA VAL B 174 0.37 -2.94 2.15
C VAL B 174 -1.06 -3.18 2.61
N VAL B 175 -1.38 -4.44 2.89
CA VAL B 175 -2.66 -4.83 3.47
C VAL B 175 -2.38 -5.27 4.90
N SER B 176 -2.91 -4.53 5.88
CA SER B 176 -2.83 -4.90 7.27
C SER B 176 -4.21 -5.34 7.75
N GLU B 177 -4.29 -5.75 9.02
CA GLU B 177 -5.56 -6.20 9.56
C GLU B 177 -6.57 -5.06 9.64
N ASP B 178 -6.12 -3.81 9.65
CA ASP B 178 -7.01 -2.68 9.86
C ASP B 178 -7.11 -1.71 8.68
N PHE B 179 -6.19 -1.74 7.72
CA PHE B 179 -6.25 -0.80 6.61
C PHE B 179 -5.39 -1.29 5.45
N VAL B 180 -5.62 -0.66 4.30
CA VAL B 180 -4.87 -0.89 3.07
C VAL B 180 -4.32 0.45 2.61
N VAL B 181 -3.03 0.49 2.29
CA VAL B 181 -2.40 1.71 1.80
C VAL B 181 -1.57 1.37 0.57
N VAL B 182 -1.75 2.13 -0.51
CA VAL B 182 -1.03 1.90 -1.75
C VAL B 182 -0.47 3.23 -2.25
N THR B 183 0.72 3.18 -2.84
CA THR B 183 1.49 4.35 -3.21
C THR B 183 1.95 4.23 -4.65
N LEU B 184 1.86 5.33 -5.38
CA LEU B 184 2.36 5.46 -6.74
C LEU B 184 3.44 6.53 -6.77
N HIS B 185 4.65 6.15 -7.17
CA HIS B 185 5.82 7.01 -7.19
C HIS B 185 6.31 7.12 -8.63
N ASN B 186 6.36 8.34 -9.16
CA ASN B 186 6.61 8.58 -10.57
C ASN B 186 8.06 8.37 -10.98
N ARG B 187 8.98 8.17 -10.03
CA ARG B 187 10.38 7.91 -10.34
C ARG B 187 10.74 6.54 -9.79
N SER B 188 10.97 5.58 -10.68
CA SER B 188 11.28 4.21 -10.27
C SER B 188 12.77 4.06 -9.94
N THR B 194 7.37 13.50 -5.71
CA THR B 194 6.11 13.41 -4.98
C THR B 194 5.33 12.17 -5.40
N ALA B 195 4.47 11.68 -4.52
CA ALA B 195 3.78 10.41 -4.72
C ALA B 195 2.31 10.53 -4.41
N SER B 196 1.51 9.70 -5.07
CA SER B 196 0.07 9.61 -4.83
C SER B 196 -0.21 8.44 -3.90
N HIS B 197 -1.24 8.59 -3.05
CA HIS B 197 -1.56 7.58 -2.05
C HIS B 197 -3.06 7.31 -2.03
N LEU B 198 -3.42 6.03 -1.92
CA LEU B 198 -4.81 5.62 -1.76
C LEU B 198 -4.92 4.69 -0.56
N LEU B 199 -5.89 4.96 0.32
CA LEU B 199 -6.09 4.17 1.52
C LEU B 199 -7.53 3.74 1.64
N PHE B 200 -7.73 2.59 2.27
CA PHE B 200 -9.08 2.06 2.52
C PHE B 200 -9.06 1.28 3.83
N GLY B 201 -9.99 1.58 4.72
CA GLY B 201 -10.06 0.76 5.93
C GLY B 201 -10.87 1.39 7.04
N LEU B 202 -10.45 1.10 8.28
CA LEU B 202 -11.15 1.60 9.45
C LEU B 202 -10.71 3.03 9.74
N PRO B 203 -11.64 3.99 9.82
CA PRO B 203 -11.23 5.41 9.93
C PRO B 203 -10.39 5.71 11.16
N ASP B 204 -10.62 5.01 12.28
CA ASP B 204 -9.85 5.26 13.48
C ASP B 204 -8.50 4.56 13.48
N SER B 205 -8.23 3.70 12.50
CA SER B 205 -6.99 2.92 12.48
C SER B 205 -6.06 3.29 11.33
N LEU B 206 -6.41 4.30 10.54
CA LEU B 206 -5.54 4.73 9.45
C LEU B 206 -4.26 5.35 10.02
N PRO B 207 -3.13 5.22 9.30
CA PRO B 207 -1.85 5.66 9.87
C PRO B 207 -1.81 7.16 10.08
N SER B 208 -1.08 7.57 11.12
CA SER B 208 -1.05 8.96 11.54
C SER B 208 -0.49 9.86 10.43
N LEU B 209 -1.26 10.89 10.09
CA LEU B 209 -0.84 11.88 9.12
C LEU B 209 0.06 12.93 9.77
N LYS B 210 0.67 13.76 8.92
CA LYS B 210 1.56 14.82 9.36
C LYS B 210 0.90 16.18 9.18
N GLY B 211 1.30 17.12 10.03
CA GLY B 211 0.72 18.45 10.18
C GLY B 211 -0.22 19.01 9.14
N HIS B 212 0.18 18.99 7.88
CA HIS B 212 -0.50 19.76 6.83
C HIS B 212 -1.78 19.10 6.32
N ALA B 213 -2.24 17.99 6.90
CA ALA B 213 -3.46 17.36 6.43
C ALA B 213 -4.05 16.48 7.52
N THR B 214 -5.38 16.46 7.59
CA THR B 214 -6.13 15.57 8.46
C THR B 214 -6.98 14.63 7.62
N TYR B 215 -7.50 13.58 8.26
CA TYR B 215 -8.14 12.51 7.49
C TYR B 215 -9.55 12.86 7.04
N ASP B 216 -10.26 13.68 7.80
CA ASP B 216 -11.64 13.98 7.43
C ASP B 216 -11.72 14.72 6.10
N GLU B 217 -10.78 15.64 5.86
CA GLU B 217 -10.83 16.45 4.64
C GLU B 217 -10.36 15.67 3.42
N LEU B 218 -9.69 14.54 3.61
CA LEU B 218 -9.22 13.71 2.51
C LEU B 218 -10.06 12.45 2.32
N THR B 219 -11.16 12.32 3.05
CA THR B 219 -12.02 11.14 2.95
C THR B 219 -13.03 11.35 1.82
N PHE B 220 -12.92 10.54 0.77
CA PHE B 220 -13.80 10.70 -0.39
C PHE B 220 -15.15 10.01 -0.16
N ALA B 221 -15.12 8.72 0.17
CA ALA B 221 -16.34 7.98 0.46
C ALA B 221 -16.17 7.27 1.79
N ARG B 222 -17.29 7.03 2.47
CA ARG B 222 -17.26 6.46 3.81
C ARG B 222 -18.45 5.54 4.00
N ASN B 223 -18.21 4.43 4.69
CA ASN B 223 -19.24 3.50 5.11
C ASN B 223 -19.54 3.72 6.59
N ALA B 224 -20.38 2.85 7.15
CA ALA B 224 -20.49 2.79 8.61
C ALA B 224 -19.33 2.05 9.24
N LYS B 225 -18.41 1.52 8.43
CA LYS B 225 -17.31 0.71 8.93
C LYS B 225 -16.02 1.04 8.19
N TYR B 226 -16.11 1.32 6.90
CA TYR B 226 -14.94 1.51 6.06
C TYR B 226 -14.94 2.90 5.43
N ALA B 227 -13.75 3.37 5.09
CA ALA B 227 -13.55 4.68 4.48
C ALA B 227 -12.48 4.58 3.41
N LEU B 228 -12.59 5.46 2.42
CA LEU B 228 -11.65 5.55 1.30
C LEU B 228 -11.04 6.95 1.30
N VAL B 229 -9.72 7.01 1.26
CA VAL B 229 -8.98 8.26 1.34
C VAL B 229 -8.02 8.33 0.15
N ALA B 230 -7.89 9.51 -0.44
CA ALA B 230 -7.00 9.73 -1.57
C ALA B 230 -6.14 10.96 -1.31
N ILE B 231 -4.86 10.75 -1.05
CA ILE B 231 -3.90 11.84 -0.89
C ILE B 231 -3.21 11.98 -2.25
N LEU B 232 -3.75 12.86 -3.08
CA LEU B 232 -3.31 13.01 -4.46
C LEU B 232 -2.72 14.40 -4.69
N PRO B 233 -1.50 14.50 -5.19
CA PRO B 233 -0.96 15.82 -5.55
C PRO B 233 -1.80 16.47 -6.63
N LYS B 234 -1.81 17.81 -6.63
CA LYS B 234 -2.62 18.55 -7.59
C LYS B 234 -2.13 18.35 -9.02
N ASP B 235 -0.87 17.98 -9.20
CA ASP B 235 -0.30 17.76 -10.53
C ASP B 235 -0.24 16.30 -10.92
N SER B 236 -0.85 15.41 -10.13
CA SER B 236 -0.78 13.98 -10.38
C SER B 236 -1.55 13.63 -11.65
N TYR B 237 -1.61 12.33 -11.95
CA TYR B 237 -2.29 11.85 -13.15
C TYR B 237 -3.75 12.32 -13.15
N GLN B 238 -4.16 12.92 -14.26
CA GLN B 238 -5.48 13.54 -14.32
C GLN B 238 -6.59 12.53 -14.12
N THR B 239 -6.36 11.27 -14.50
CA THR B 239 -7.39 10.25 -14.33
C THR B 239 -7.62 9.94 -12.85
N LEU B 240 -6.55 9.95 -12.05
CA LEU B 240 -6.71 9.76 -10.61
C LEU B 240 -7.53 10.88 -9.99
N LEU B 241 -7.31 12.12 -10.45
CA LEU B 241 -8.05 13.26 -9.90
C LEU B 241 -9.51 13.22 -10.33
N THR B 242 -9.77 12.94 -11.61
CA THR B 242 -11.13 12.89 -12.12
C THR B 242 -11.84 11.58 -11.81
N GLU B 243 -11.14 10.59 -11.26
CA GLU B 243 -11.75 9.30 -10.95
C GLU B 243 -12.86 9.49 -9.91
N ASN B 244 -13.95 8.76 -10.10
CA ASN B 244 -15.09 8.78 -9.18
C ASN B 244 -14.89 7.68 -8.14
N TYR B 245 -14.41 8.07 -6.96
CA TYR B 245 -14.12 7.09 -5.91
C TYR B 245 -15.37 6.65 -5.17
N THR B 246 -16.50 7.34 -5.34
CA THR B 246 -17.75 6.86 -4.77
C THR B 246 -18.19 5.58 -5.47
N ARG B 247 -18.14 5.56 -6.80
CA ARG B 247 -18.45 4.35 -7.55
C ARG B 247 -17.48 3.22 -7.21
N ILE B 248 -16.20 3.56 -7.07
CA ILE B 248 -15.20 2.55 -6.70
C ILE B 248 -15.52 1.96 -5.33
N PHE B 249 -15.85 2.83 -4.37
CA PHE B 249 -16.16 2.36 -3.03
C PHE B 249 -17.43 1.49 -3.01
N LEU B 250 -18.43 1.87 -3.82
CA LEU B 250 -19.65 1.08 -3.88
C LEU B 250 -19.40 -0.29 -4.50
N ASN B 251 -18.63 -0.34 -5.58
CA ASN B 251 -18.29 -1.63 -6.18
C ASN B 251 -17.36 -2.44 -5.28
N MET B 252 -16.67 -1.78 -4.34
CA MET B 252 -15.79 -2.50 -3.43
C MET B 252 -16.54 -3.10 -2.25
N THR B 253 -17.52 -2.37 -1.71
CA THR B 253 -18.18 -2.77 -0.47
C THR B 253 -19.50 -3.49 -0.68
N GLU B 254 -20.32 -3.06 -1.64
CA GLU B 254 -21.67 -3.58 -1.77
C GLU B 254 -21.75 -4.85 -2.61
N SER B 255 -20.62 -5.40 -3.04
CA SER B 255 -20.57 -6.71 -3.66
C SER B 255 -19.78 -7.66 -2.77
N THR B 256 -20.07 -8.95 -2.89
CA THR B 256 -19.30 -9.92 -2.13
C THR B 256 -17.86 -9.94 -2.63
N PRO B 257 -16.89 -10.20 -1.74
CA PRO B 257 -15.49 -10.17 -2.15
C PRO B 257 -15.17 -11.11 -3.30
N LEU B 258 -15.96 -12.16 -3.51
CA LEU B 258 -15.69 -13.11 -4.57
C LEU B 258 -15.91 -12.49 -5.94
N GLU B 259 -17.12 -11.97 -6.18
CA GLU B 259 -17.40 -11.35 -7.47
C GLU B 259 -16.55 -10.10 -7.68
N PHE B 260 -16.19 -9.41 -6.60
CA PHE B 260 -15.29 -8.26 -6.72
C PHE B 260 -13.91 -8.70 -7.17
N THR B 261 -13.38 -9.77 -6.57
CA THR B 261 -12.11 -10.34 -7.04
C THR B 261 -12.20 -10.70 -8.52
N ARG B 262 -13.33 -11.25 -8.95
CA ARG B 262 -13.48 -11.64 -10.35
C ARG B 262 -13.52 -10.42 -11.26
N THR B 263 -14.14 -9.32 -10.81
CA THR B 263 -14.09 -8.08 -11.59
C THR B 263 -12.67 -7.56 -11.70
N ILE B 264 -11.88 -7.69 -10.64
CA ILE B 264 -10.48 -7.24 -10.70
C ILE B 264 -9.70 -8.14 -11.68
N GLN B 265 -10.02 -9.42 -11.71
CA GLN B 265 -9.42 -10.32 -12.70
C GLN B 265 -9.77 -9.88 -14.12
N THR B 266 -11.04 -9.52 -14.33
CA THR B 266 -11.45 -8.98 -15.63
C THR B 266 -10.64 -7.74 -15.99
N ARG B 267 -10.38 -6.87 -15.02
CA ARG B 267 -9.64 -5.65 -15.31
C ARG B 267 -8.17 -5.95 -15.64
N ILE B 268 -7.59 -6.95 -14.95
CA ILE B 268 -6.23 -7.39 -15.30
C ILE B 268 -6.21 -7.94 -16.72
N VAL B 269 -7.24 -8.71 -17.09
CA VAL B 269 -7.32 -9.24 -18.45
C VAL B 269 -7.43 -8.10 -19.46
N SER B 270 -8.20 -7.06 -19.12
CA SER B 270 -8.31 -5.90 -20.01
C SER B 270 -6.96 -5.22 -20.19
N ILE B 271 -6.20 -5.07 -19.11
CA ILE B 271 -4.85 -4.52 -19.23
C ILE B 271 -3.97 -5.42 -20.09
N GLU B 272 -4.17 -6.74 -20.00
CA GLU B 272 -3.40 -7.67 -20.83
C GLU B 272 -3.73 -7.50 -22.32
N ALA B 273 -5.01 -7.30 -22.64
CA ALA B 273 -5.44 -7.23 -24.03
C ALA B 273 -5.04 -5.94 -24.72
N ARG B 274 -4.46 -4.97 -23.99
CA ARG B 274 -4.03 -3.72 -24.58
C ARG B 274 -2.52 -3.59 -24.65
N ARG B 275 -1.78 -4.64 -24.29
CA ARG B 275 -0.31 -4.60 -24.24
C ARG B 275 0.16 -3.44 -23.37
N ALA B 276 -0.53 -3.24 -22.24
CA ALA B 276 -0.23 -2.16 -21.32
C ALA B 276 0.47 -2.64 -20.06
N CYS B 277 0.95 -3.89 -20.04
CA CYS B 277 1.55 -4.44 -18.82
C CYS B 277 2.88 -3.76 -18.49
N ALA B 278 3.56 -3.19 -19.49
CA ALA B 278 4.85 -2.56 -19.28
C ALA B 278 4.89 -1.14 -19.83
N ALA B 279 3.73 -0.50 -19.93
CA ALA B 279 3.62 0.83 -20.50
C ALA B 279 3.65 1.88 -19.39
N GLN B 280 4.46 2.92 -19.59
CA GLN B 280 4.49 4.04 -18.65
C GLN B 280 3.13 4.71 -18.58
N GLU B 281 2.49 4.89 -19.72
CA GLU B 281 1.12 5.40 -19.75
C GLU B 281 0.19 4.40 -19.07
N ALA B 282 -0.99 4.89 -18.69
CA ALA B 282 -1.98 4.11 -17.95
C ALA B 282 -1.43 3.58 -16.64
N ALA B 283 -0.32 4.15 -16.16
CA ALA B 283 0.14 3.84 -14.81
C ALA B 283 -0.88 4.17 -13.73
N PRO B 284 -1.66 5.26 -13.81
CA PRO B 284 -2.73 5.43 -12.82
C PRO B 284 -3.80 4.36 -12.89
N ASP B 285 -4.08 3.84 -14.09
CA ASP B 285 -5.05 2.76 -14.21
C ASP B 285 -4.55 1.50 -13.52
N ILE B 286 -3.28 1.15 -13.74
CA ILE B 286 -2.67 0.03 -13.03
C ILE B 286 -2.65 0.30 -11.54
N PHE B 287 -2.45 1.55 -11.15
CA PHE B 287 -2.48 1.92 -9.74
C PHE B 287 -3.85 1.64 -9.12
N LEU B 288 -4.92 2.03 -9.82
CA LEU B 288 -6.26 1.77 -9.34
C LEU B 288 -6.52 0.27 -9.26
N VAL B 289 -6.06 -0.49 -10.25
CA VAL B 289 -6.25 -1.94 -10.23
C VAL B 289 -5.54 -2.56 -9.04
N LEU B 290 -4.31 -2.09 -8.77
CA LEU B 290 -3.56 -2.60 -7.63
C LEU B 290 -4.26 -2.25 -6.32
N PHE B 291 -4.76 -1.02 -6.21
CA PHE B 291 -5.53 -0.62 -5.04
C PHE B 291 -6.72 -1.56 -4.83
N GLN B 292 -7.44 -1.86 -5.90
CA GLN B 292 -8.62 -2.70 -5.78
C GLN B 292 -8.26 -4.14 -5.41
N MET B 293 -7.16 -4.65 -5.95
CA MET B 293 -6.71 -6.00 -5.60
C MET B 293 -6.34 -6.07 -4.12
N LEU B 294 -5.60 -5.08 -3.63
CA LEU B 294 -5.29 -5.01 -2.21
C LEU B 294 -6.55 -4.95 -1.38
N VAL B 295 -7.55 -4.20 -1.84
CA VAL B 295 -8.80 -4.09 -1.09
C VAL B 295 -9.53 -5.42 -1.07
N ALA B 296 -9.46 -6.19 -2.16
CA ALA B 296 -10.09 -7.50 -2.18
C ALA B 296 -9.44 -8.45 -1.17
N HIS B 297 -8.11 -8.52 -1.18
CA HIS B 297 -7.41 -9.30 -0.17
C HIS B 297 -7.81 -8.83 1.24
N PHE B 298 -7.90 -7.51 1.42
CA PHE B 298 -8.24 -6.96 2.74
C PHE B 298 -9.64 -7.36 3.17
N LEU B 299 -10.59 -7.35 2.25
CA LEU B 299 -11.97 -7.67 2.62
C LEU B 299 -12.12 -9.15 2.95
N VAL B 300 -11.44 -10.02 2.21
CA VAL B 300 -11.43 -11.44 2.56
C VAL B 300 -10.83 -11.62 3.96
N ALA B 301 -9.69 -10.97 4.21
CA ALA B 301 -9.04 -11.11 5.53
C ALA B 301 -9.91 -10.56 6.65
N ARG B 302 -10.61 -9.46 6.39
CA ARG B 302 -11.49 -8.88 7.40
C ARG B 302 -12.65 -9.80 7.70
N GLY B 303 -13.25 -10.39 6.67
CA GLY B 303 -14.25 -11.41 6.89
C GLY B 303 -13.72 -12.56 7.73
N ILE B 304 -12.46 -12.93 7.51
CA ILE B 304 -11.83 -13.98 8.32
C ILE B 304 -11.72 -13.55 9.78
N ALA B 305 -11.34 -12.29 10.02
CA ALA B 305 -11.09 -11.84 11.38
C ALA B 305 -12.38 -11.54 12.14
N GLU B 306 -13.39 -10.99 11.46
CA GLU B 306 -14.62 -10.58 12.12
C GLU B 306 -15.50 -11.74 12.57
N HIS B 307 -15.10 -13.00 12.34
CA HIS B 307 -15.92 -14.14 12.68
C HIS B 307 -15.08 -15.20 13.39
N ARG B 308 -15.67 -15.83 14.40
CA ARG B 308 -14.92 -16.80 15.20
C ARG B 308 -14.67 -18.08 14.43
N PHE B 309 -15.63 -18.51 13.61
CA PHE B 309 -15.50 -19.68 12.76
C PHE B 309 -15.88 -19.32 11.34
N VAL B 310 -15.17 -19.88 10.36
CA VAL B 310 -15.43 -19.63 8.96
C VAL B 310 -15.72 -20.96 8.25
N GLU B 311 -16.45 -20.87 7.15
CA GLU B 311 -16.84 -22.04 6.36
C GLU B 311 -15.73 -22.39 5.38
N VAL B 312 -15.32 -23.66 5.38
CA VAL B 312 -14.07 -24.04 4.72
C VAL B 312 -14.16 -23.84 3.21
N ASP B 313 -15.22 -24.35 2.57
CA ASP B 313 -15.29 -24.28 1.12
C ASP B 313 -15.44 -22.85 0.63
N CYS B 314 -16.19 -22.02 1.36
CA CYS B 314 -16.35 -20.61 1.00
C CYS B 314 -15.02 -19.88 1.04
N VAL B 315 -14.27 -20.05 2.13
CA VAL B 315 -12.98 -19.40 2.25
C VAL B 315 -11.98 -19.95 1.23
N CYS B 316 -12.07 -21.25 0.91
CA CYS B 316 -11.20 -21.80 -0.11
C CYS B 316 -11.49 -21.20 -1.47
N ARG B 317 -12.77 -20.99 -1.79
CA ARG B 317 -13.13 -20.33 -3.05
C ARG B 317 -12.57 -18.90 -3.08
N GLN B 318 -12.73 -18.17 -1.98
CA GLN B 318 -12.20 -16.81 -1.92
C GLN B 318 -10.68 -16.81 -2.12
N TYR B 319 -9.98 -17.69 -1.42
CA TYR B 319 -8.52 -17.76 -1.55
C TYR B 319 -8.10 -18.15 -2.95
N ALA B 320 -8.84 -19.06 -3.59
CA ALA B 320 -8.50 -19.47 -4.95
C ALA B 320 -8.65 -18.30 -5.92
N GLU B 321 -9.73 -17.52 -5.78
CA GLU B 321 -9.89 -16.35 -6.64
C GLU B 321 -8.78 -15.33 -6.38
N LEU B 322 -8.41 -15.13 -5.11
CA LEU B 322 -7.32 -14.20 -4.80
C LEU B 322 -6.00 -14.66 -5.39
N TYR B 323 -5.69 -15.96 -5.28
CA TYR B 323 -4.44 -16.48 -5.81
C TYR B 323 -4.42 -16.40 -7.33
N PHE B 324 -5.55 -16.68 -7.99
CA PHE B 324 -5.61 -16.53 -9.44
C PHE B 324 -5.39 -15.07 -9.84
N LEU B 325 -5.96 -14.14 -9.08
CA LEU B 325 -5.74 -12.72 -9.35
C LEU B 325 -4.26 -12.37 -9.25
N ARG B 326 -3.61 -12.82 -8.17
CA ARG B 326 -2.18 -12.58 -8.00
C ARG B 326 -1.37 -13.14 -9.16
N ARG B 327 -1.65 -14.39 -9.54
CA ARG B 327 -0.87 -15.05 -10.58
C ARG B 327 -1.07 -14.40 -11.94
N ILE B 328 -2.31 -14.02 -12.26
CA ILE B 328 -2.55 -13.38 -13.55
C ILE B 328 -1.95 -11.97 -13.57
N SER B 329 -1.91 -11.30 -12.42
CA SER B 329 -1.25 -10.00 -12.35
C SER B 329 0.25 -10.14 -12.56
N ARG B 330 0.87 -11.17 -11.97
CA ARG B 330 2.28 -11.42 -12.23
C ARG B 330 2.52 -11.78 -13.68
N LEU B 331 1.59 -12.51 -14.30
CA LEU B 331 1.71 -12.79 -15.73
C LEU B 331 1.74 -11.51 -16.54
N CYS B 332 0.81 -10.60 -16.28
CA CYS B 332 0.81 -9.31 -16.95
C CYS B 332 2.09 -8.54 -16.65
N MET B 333 2.26 -8.12 -15.40
CA MET B 333 3.43 -7.36 -14.98
C MET B 333 4.40 -8.28 -14.26
N PRO B 334 5.44 -8.78 -14.93
CA PRO B 334 6.31 -9.79 -14.30
C PRO B 334 6.97 -9.34 -13.01
N THR B 335 7.08 -8.03 -12.77
CA THR B 335 7.68 -7.52 -11.54
C THR B 335 6.71 -7.53 -10.36
N PHE B 336 5.50 -8.06 -10.53
CA PHE B 336 4.52 -8.10 -9.45
C PHE B 336 4.99 -9.06 -8.36
N THR B 337 5.17 -8.54 -7.15
CA THR B 337 5.67 -9.31 -6.02
C THR B 337 4.70 -9.19 -4.86
N THR B 338 4.44 -10.31 -4.20
CA THR B 338 3.58 -10.38 -3.02
C THR B 338 4.31 -11.17 -1.95
N VAL B 339 4.37 -10.61 -0.73
CA VAL B 339 5.00 -11.29 0.39
C VAL B 339 4.09 -11.18 1.60
N GLY B 340 3.67 -12.32 2.14
CA GLY B 340 2.86 -12.34 3.34
C GLY B 340 1.67 -13.29 3.31
N TYR B 341 0.92 -13.28 2.21
CA TYR B 341 -0.38 -13.97 2.15
C TYR B 341 -0.15 -15.48 1.99
N ASN B 342 0.06 -16.14 3.14
CA ASN B 342 0.27 -17.58 3.17
C ASN B 342 -0.98 -18.29 3.68
N HIS B 343 -1.10 -19.57 3.31
CA HIS B 343 -2.29 -20.36 3.62
C HIS B 343 -1.87 -21.80 3.93
N THR B 344 -1.03 -21.97 4.96
CA THR B 344 -0.50 -23.29 5.27
C THR B 344 -1.55 -24.18 5.94
N THR B 345 -2.23 -23.65 6.96
CA THR B 345 -3.21 -24.45 7.69
C THR B 345 -4.44 -24.74 6.84
N LEU B 346 -4.98 -23.71 6.17
CA LEU B 346 -6.07 -23.92 5.24
C LEU B 346 -5.65 -24.86 4.12
N GLY B 347 -4.39 -24.77 3.69
CA GLY B 347 -3.88 -25.70 2.69
C GLY B 347 -3.87 -27.13 3.18
N ALA B 348 -3.55 -27.34 4.46
CA ALA B 348 -3.58 -28.69 5.02
C ALA B 348 -5.01 -29.21 5.12
N VAL B 349 -5.95 -28.33 5.52
CA VAL B 349 -7.36 -28.71 5.53
C VAL B 349 -7.79 -29.15 4.13
N ALA B 350 -7.47 -28.34 3.12
CA ALA B 350 -7.81 -28.71 1.75
C ALA B 350 -7.11 -29.99 1.32
N ALA B 351 -5.89 -30.23 1.82
CA ALA B 351 -5.17 -31.46 1.48
C ALA B 351 -5.90 -32.68 2.02
N THR B 352 -6.42 -32.59 3.25
CA THR B 352 -7.21 -33.69 3.78
C THR B 352 -8.50 -33.86 2.99
N GLN B 353 -9.09 -32.76 2.52
CA GLN B 353 -10.36 -32.85 1.81
C GLN B 353 -10.19 -33.47 0.42
N ILE B 354 -9.12 -33.12 -0.29
CA ILE B 354 -8.98 -33.58 -1.67
C ILE B 354 -8.39 -34.98 -1.78
N ALA B 355 -7.80 -35.51 -0.71
CA ALA B 355 -7.25 -36.86 -0.75
C ALA B 355 -8.34 -37.92 -0.84
N ARG B 356 -9.57 -37.58 -0.46
CA ARG B 356 -10.68 -38.52 -0.59
C ARG B 356 -11.23 -38.56 -2.01
N VAL B 357 -11.23 -37.42 -2.68
CA VAL B 357 -11.88 -37.30 -3.99
C VAL B 357 -11.15 -38.18 -5.00
N SER B 358 -11.87 -39.15 -5.56
CA SER B 358 -11.36 -40.00 -6.61
C SER B 358 -11.88 -39.51 -7.97
N ALA B 359 -11.37 -40.16 -9.03
CA ALA B 359 -11.66 -39.68 -10.38
C ALA B 359 -13.15 -39.75 -10.68
N THR B 360 -13.77 -40.91 -10.45
CA THR B 360 -15.20 -41.04 -10.70
C THR B 360 -16.01 -40.12 -9.78
N LYS B 361 -15.57 -39.99 -8.52
CA LYS B 361 -16.25 -39.09 -7.59
C LYS B 361 -16.21 -37.66 -8.10
N LEU B 362 -15.04 -37.21 -8.55
CA LEU B 362 -14.92 -35.84 -9.06
C LEU B 362 -15.75 -35.64 -10.31
N ALA B 363 -15.72 -36.61 -11.22
CA ALA B 363 -16.46 -36.49 -12.48
C ALA B 363 -17.96 -36.56 -12.29
N SER B 364 -18.44 -37.19 -11.20
CA SER B 364 -19.86 -37.26 -10.95
C SER B 364 -20.39 -36.08 -10.15
N LEU B 365 -19.51 -35.23 -9.62
CA LEU B 365 -19.96 -34.09 -8.84
C LEU B 365 -20.61 -33.04 -9.74
N PRO B 366 -21.53 -32.24 -9.20
CA PRO B 366 -22.05 -31.10 -9.96
C PRO B 366 -20.94 -30.10 -10.24
N ARG B 367 -21.17 -29.26 -11.27
CA ARG B 367 -20.13 -28.36 -11.74
C ARG B 367 -19.61 -27.46 -10.63
N SER B 368 -20.51 -26.91 -9.81
CA SER B 368 -20.08 -26.04 -8.72
C SER B 368 -19.26 -26.79 -7.68
N SER B 369 -19.66 -28.02 -7.35
CA SER B 369 -18.94 -28.78 -6.34
C SER B 369 -17.56 -29.19 -6.83
N GLN B 370 -17.44 -29.57 -8.10
CA GLN B 370 -16.12 -29.91 -8.61
C GLN B 370 -15.26 -28.67 -8.79
N GLU B 371 -15.88 -27.51 -9.03
CA GLU B 371 -15.12 -26.25 -8.97
C GLU B 371 -14.56 -26.02 -7.58
N THR B 372 -15.38 -26.28 -6.55
CA THR B 372 -14.88 -26.19 -5.18
C THR B 372 -13.72 -27.16 -4.94
N VAL B 373 -13.84 -28.38 -5.46
CA VAL B 373 -12.76 -29.35 -5.32
C VAL B 373 -11.49 -28.84 -5.99
N LEU B 374 -11.62 -28.24 -7.17
CA LEU B 374 -10.46 -27.69 -7.86
C LEU B 374 -9.82 -26.55 -7.08
N ALA B 375 -10.65 -25.71 -6.45
CA ALA B 375 -10.12 -24.64 -5.61
C ALA B 375 -9.31 -25.21 -4.45
N MET B 376 -9.87 -26.22 -3.77
CA MET B 376 -9.14 -26.84 -2.65
C MET B 376 -7.87 -27.51 -3.14
N VAL B 377 -7.88 -28.07 -4.34
CA VAL B 377 -6.67 -28.64 -4.92
C VAL B 377 -5.62 -27.55 -5.12
N GLN B 378 -6.06 -26.38 -5.60
CA GLN B 378 -5.16 -25.23 -5.71
C GLN B 378 -4.52 -24.93 -4.37
N LEU B 379 -5.33 -24.87 -3.31
CA LEU B 379 -4.79 -24.48 -2.01
C LEU B 379 -4.00 -25.60 -1.37
N GLY B 380 -4.42 -26.85 -1.54
CA GLY B 380 -3.77 -27.96 -0.88
C GLY B 380 -2.82 -28.73 -1.78
N ALA B 381 -2.01 -28.00 -2.54
CA ALA B 381 -1.12 -28.61 -3.52
C ALA B 381 0.18 -29.13 -2.92
N ARG B 382 0.44 -28.87 -1.64
CA ARG B 382 1.68 -29.27 -0.98
C ARG B 382 2.89 -28.74 -1.74
N ASP B 383 3.66 -29.64 -2.36
CA ASP B 383 4.86 -29.27 -3.13
C ASP B 383 4.58 -29.24 -4.63
N GLY B 384 3.45 -28.68 -5.03
CA GLY B 384 3.11 -28.59 -6.45
C GLY B 384 2.91 -29.95 -7.10
N ALA B 385 2.17 -30.84 -6.44
CA ALA B 385 1.90 -32.19 -6.94
C ALA B 385 0.41 -32.46 -6.82
N VAL B 386 -0.29 -32.47 -7.96
CA VAL B 386 -1.72 -32.75 -7.97
C VAL B 386 -1.93 -34.27 -7.89
N PRO B 387 -2.81 -34.75 -7.01
CA PRO B 387 -3.03 -36.19 -6.91
C PRO B 387 -3.51 -36.78 -8.23
N SER B 388 -3.09 -38.03 -8.49
CA SER B 388 -3.42 -38.68 -9.75
C SER B 388 -4.92 -38.85 -9.90
N SER B 389 -5.64 -39.08 -8.79
CA SER B 389 -7.10 -39.20 -8.86
C SER B 389 -7.71 -37.92 -9.42
N ILE B 390 -7.20 -36.77 -8.98
CA ILE B 390 -7.74 -35.49 -9.46
C ILE B 390 -7.50 -35.33 -10.95
N LEU B 391 -6.31 -35.73 -11.42
CA LEU B 391 -6.01 -35.61 -12.84
C LEU B 391 -6.90 -36.52 -13.68
N GLU B 392 -7.09 -37.77 -13.24
CA GLU B 392 -7.97 -38.68 -13.96
C GLU B 392 -9.41 -38.17 -13.97
N GLY B 393 -9.86 -37.60 -12.84
CA GLY B 393 -11.19 -37.01 -12.80
C GLY B 393 -11.31 -35.82 -13.73
N ILE B 394 -10.25 -35.02 -13.84
CA ILE B 394 -10.26 -33.91 -14.79
C ILE B 394 -10.38 -34.44 -16.21
N ALA B 395 -9.67 -35.53 -16.51
CA ALA B 395 -9.80 -36.15 -17.83
C ALA B 395 -11.24 -36.56 -18.11
N MET B 396 -11.88 -37.21 -17.14
CA MET B 396 -13.26 -37.64 -17.33
C MET B 396 -14.20 -36.45 -17.50
N VAL B 397 -13.99 -35.39 -16.72
CA VAL B 397 -14.83 -34.19 -16.81
C VAL B 397 -14.71 -33.56 -18.18
N VAL B 398 -13.47 -33.38 -18.66
CA VAL B 398 -13.25 -32.80 -19.98
C VAL B 398 -13.84 -33.69 -21.05
N GLU B 399 -13.80 -35.01 -20.86
CA GLU B 399 -14.35 -35.92 -21.85
C GLU B 399 -15.86 -35.74 -21.98
N HIS B 400 -16.55 -35.72 -20.85
CA HIS B 400 -18.00 -35.49 -20.89
C HIS B 400 -18.32 -34.12 -21.48
N MET B 401 -17.54 -33.10 -21.09
CA MET B 401 -17.78 -31.74 -21.58
C MET B 401 -17.62 -31.67 -23.10
N TYR B 402 -16.61 -32.34 -23.65
CA TYR B 402 -16.35 -32.29 -25.09
C TYR B 402 -17.40 -33.10 -25.87
N THR B 403 -17.72 -34.30 -25.39
CA THR B 403 -18.79 -35.08 -26.01
C THR B 403 -20.07 -34.28 -26.08
N ALA B 404 -20.39 -33.54 -25.01
CA ALA B 404 -21.59 -32.71 -25.05
C ALA B 404 -21.41 -31.49 -25.94
N TYR B 405 -20.20 -30.94 -26.00
CA TYR B 405 -19.93 -29.81 -26.89
C TYR B 405 -20.25 -30.15 -28.33
N THR B 406 -19.94 -31.37 -28.75
CA THR B 406 -20.16 -31.73 -30.15
C THR B 406 -21.63 -31.68 -30.56
N TYR B 407 -22.56 -31.49 -29.63
CA TYR B 407 -23.98 -31.40 -30.00
C TYR B 407 -24.35 -30.01 -30.49
N VAL B 408 -23.85 -28.96 -29.83
CA VAL B 408 -24.22 -27.59 -30.14
C VAL B 408 -23.05 -26.75 -30.61
N TYR B 409 -21.81 -27.22 -30.43
CA TYR B 409 -20.61 -26.50 -30.85
C TYR B 409 -20.56 -25.08 -30.28
N THR B 410 -21.06 -24.92 -29.05
CA THR B 410 -20.95 -23.69 -28.28
C THR B 410 -20.50 -24.05 -26.88
N LEU B 411 -20.17 -23.03 -26.10
CA LEU B 411 -19.73 -23.20 -24.72
C LEU B 411 -20.29 -22.06 -23.88
N GLY B 412 -21.02 -22.40 -22.83
CA GLY B 412 -21.53 -21.39 -21.94
C GLY B 412 -20.44 -20.84 -21.03
N ASP B 413 -20.79 -19.77 -20.31
CA ASP B 413 -19.82 -19.15 -19.41
C ASP B 413 -19.51 -20.05 -18.22
N THR B 414 -20.46 -20.88 -17.79
CA THR B 414 -20.19 -21.81 -16.71
C THR B 414 -19.16 -22.85 -17.12
N GLU B 415 -19.29 -23.39 -18.34
CA GLU B 415 -18.31 -24.36 -18.82
C GLU B 415 -16.94 -23.72 -19.02
N ARG B 416 -16.90 -22.47 -19.48
CA ARG B 416 -15.63 -21.77 -19.62
C ARG B 416 -15.00 -21.47 -18.26
N LYS B 417 -15.83 -21.18 -17.25
CA LYS B 417 -15.31 -21.00 -15.89
C LYS B 417 -14.73 -22.31 -15.36
N LEU B 418 -15.41 -23.43 -15.63
CA LEU B 418 -14.86 -24.73 -15.26
C LEU B 418 -13.53 -24.98 -15.96
N MET B 419 -13.44 -24.62 -17.24
CA MET B 419 -12.17 -24.78 -17.95
C MET B 419 -11.09 -23.86 -17.38
N LEU B 420 -11.48 -22.67 -16.93
CA LEU B 420 -10.49 -21.79 -16.31
C LEU B 420 -9.96 -22.38 -15.01
N ASP B 421 -10.84 -22.97 -14.20
CA ASP B 421 -10.38 -23.65 -12.99
C ASP B 421 -9.48 -24.83 -13.33
N ILE B 422 -9.83 -25.58 -14.36
CA ILE B 422 -8.99 -26.70 -14.79
C ILE B 422 -7.62 -26.22 -15.25
N HIS B 423 -7.59 -25.09 -15.96
CA HIS B 423 -6.32 -24.54 -16.43
C HIS B 423 -5.48 -24.03 -15.26
N THR B 424 -6.12 -23.41 -14.28
CA THR B 424 -5.39 -22.96 -13.09
C THR B 424 -4.80 -24.15 -12.34
N VAL B 425 -5.53 -25.26 -12.29
CA VAL B 425 -5.02 -26.44 -11.58
C VAL B 425 -3.88 -27.10 -12.37
N LEU B 426 -4.03 -27.19 -13.70
CA LEU B 426 -3.04 -27.90 -14.50
C LEU B 426 -1.72 -27.16 -14.58
N THR B 427 -1.76 -25.84 -14.75
CA THR B 427 -0.54 -25.04 -14.66
C THR B 427 -0.03 -25.04 -13.22
N ASP B 428 1.29 -25.02 -13.08
CA ASP B 428 1.95 -25.14 -11.78
C ASP B 428 1.59 -26.47 -11.12
N SER B 429 1.77 -27.56 -11.87
CA SER B 429 1.54 -28.91 -11.37
C SER B 429 2.59 -29.83 -11.97
N CYS B 430 3.33 -30.53 -11.11
CA CYS B 430 4.41 -31.38 -11.59
C CYS B 430 3.86 -32.43 -12.56
N PRO B 431 4.62 -32.81 -13.58
CA PRO B 431 4.09 -33.74 -14.57
C PRO B 431 3.82 -35.09 -13.95
N PRO B 432 2.87 -35.85 -14.49
CA PRO B 432 2.52 -37.14 -13.89
C PRO B 432 3.64 -38.14 -14.01
N LYS B 433 3.91 -38.84 -12.90
CA LYS B 433 4.97 -39.85 -12.88
C LYS B 433 4.54 -41.12 -13.62
N ASP B 434 3.29 -41.53 -13.48
CA ASP B 434 2.81 -42.75 -14.10
C ASP B 434 2.46 -42.51 -15.57
N SER B 435 2.63 -43.56 -16.38
CA SER B 435 2.42 -43.43 -17.83
C SER B 435 0.95 -43.23 -18.16
N GLY B 436 0.06 -43.99 -17.52
CA GLY B 436 -1.35 -43.94 -17.88
C GLY B 436 -1.99 -42.60 -17.60
N VAL B 437 -1.68 -42.00 -16.45
CA VAL B 437 -2.27 -40.72 -16.09
C VAL B 437 -1.77 -39.62 -17.02
N SER B 438 -0.48 -39.64 -17.37
CA SER B 438 0.04 -38.67 -18.33
C SER B 438 -0.59 -38.86 -19.71
N GLU B 439 -0.84 -40.10 -20.10
CA GLU B 439 -1.54 -40.35 -21.36
C GLU B 439 -2.95 -39.77 -21.33
N LYS B 440 -3.67 -39.96 -20.22
CA LYS B 440 -5.00 -39.38 -20.10
C LYS B 440 -4.95 -37.86 -20.12
N LEU B 441 -3.89 -37.27 -19.56
CA LEU B 441 -3.71 -35.83 -19.65
C LEU B 441 -3.48 -35.38 -21.09
N LEU B 442 -2.69 -36.15 -21.85
CA LEU B 442 -2.57 -35.89 -23.27
C LEU B 442 -3.92 -35.96 -23.96
N ARG B 443 -4.76 -36.92 -23.55
CA ARG B 443 -6.08 -37.05 -24.16
C ARG B 443 -6.95 -35.82 -23.89
N THR B 444 -6.94 -35.33 -22.65
CA THR B 444 -7.77 -34.15 -22.37
C THR B 444 -7.20 -32.90 -23.03
N TYR B 445 -5.87 -32.80 -23.16
CA TYR B 445 -5.29 -31.73 -23.96
C TYR B 445 -5.79 -31.79 -25.40
N LEU B 446 -5.77 -32.99 -25.99
CA LEU B 446 -6.23 -33.16 -27.37
C LEU B 446 -7.70 -32.79 -27.51
N MET B 447 -8.50 -33.10 -26.50
CA MET B 447 -9.92 -32.72 -26.55
C MET B 447 -10.08 -31.21 -26.47
N PHE B 448 -9.25 -30.55 -25.65
CA PHE B 448 -9.27 -29.10 -25.63
C PHE B 448 -8.92 -28.52 -27.00
N THR B 449 -7.94 -29.12 -27.69
CA THR B 449 -7.67 -28.69 -29.06
C THR B 449 -8.89 -28.91 -29.95
N SER B 450 -9.54 -30.06 -29.80
CA SER B 450 -10.73 -30.38 -30.57
C SER B 450 -11.86 -29.38 -30.32
N MET B 451 -11.83 -28.68 -29.18
CA MET B 451 -12.79 -27.62 -28.94
C MET B 451 -12.30 -26.26 -29.40
N CYS B 452 -11.03 -26.12 -29.78
CA CYS B 452 -10.49 -24.86 -30.31
C CYS B 452 -10.53 -24.92 -31.83
N THR B 453 -11.70 -24.62 -32.37
CA THR B 453 -11.95 -24.73 -33.81
C THR B 453 -12.08 -23.33 -34.43
N ASN B 454 -12.37 -23.32 -35.72
CA ASN B 454 -12.58 -22.07 -36.45
C ASN B 454 -13.67 -21.24 -35.78
N ILE B 455 -14.79 -21.88 -35.44
CA ILE B 455 -15.88 -21.19 -34.76
C ILE B 455 -15.40 -20.57 -33.46
N GLU B 456 -14.58 -21.31 -32.71
CA GLU B 456 -14.09 -20.80 -31.43
C GLU B 456 -13.16 -19.61 -31.63
N LEU B 457 -12.29 -19.67 -32.64
CA LEU B 457 -11.39 -18.55 -32.89
C LEU B 457 -12.17 -17.30 -33.27
N GLY B 458 -13.15 -17.45 -34.16
CA GLY B 458 -13.99 -16.31 -34.51
C GLY B 458 -14.74 -15.74 -33.31
N GLU B 459 -15.28 -16.62 -32.47
CA GLU B 459 -16.02 -16.17 -31.31
C GLU B 459 -15.12 -15.43 -30.33
N MET B 460 -13.92 -15.95 -30.10
CA MET B 460 -12.99 -15.29 -29.18
C MET B 460 -12.53 -13.95 -29.72
N ILE B 461 -12.33 -13.85 -31.04
CA ILE B 461 -11.97 -12.56 -31.62
C ILE B 461 -13.11 -11.57 -31.45
N ALA B 462 -14.35 -12.01 -31.68
CA ALA B 462 -15.50 -11.13 -31.48
C ALA B 462 -15.61 -10.69 -30.03
N ARG B 463 -15.33 -11.60 -29.09
CA ARG B 463 -15.43 -11.26 -27.68
C ARG B 463 -14.36 -10.27 -27.27
N PHE B 464 -13.11 -10.48 -27.71
CA PHE B 464 -12.03 -9.58 -27.35
C PHE B 464 -12.10 -8.25 -28.10
N SER B 465 -12.88 -8.18 -29.18
CA SER B 465 -13.04 -6.91 -29.88
C SER B 465 -13.85 -5.90 -29.08
N LYS B 466 -14.61 -6.36 -28.08
CA LYS B 466 -15.43 -5.48 -27.23
C LYS B 466 -14.98 -5.68 -25.78
N PRO B 467 -13.86 -5.05 -25.38
CA PRO B 467 -13.32 -5.28 -24.04
C PRO B 467 -14.23 -4.80 -22.91
N ASP B 468 -15.23 -3.98 -23.20
CA ASP B 468 -16.12 -3.48 -22.15
C ASP B 468 -17.02 -4.59 -21.61
N SER B 469 -17.71 -5.30 -22.50
CA SER B 469 -18.59 -6.38 -22.10
C SER B 469 -17.85 -7.68 -21.82
N LEU B 470 -16.53 -7.69 -21.93
CA LEU B 470 -15.75 -8.89 -21.67
C LEU B 470 -15.56 -9.08 -20.16
N ASN B 471 -15.75 -10.31 -19.69
CA ASN B 471 -15.45 -10.65 -18.30
C ASN B 471 -14.51 -11.85 -18.29
N ILE B 472 -14.13 -12.27 -17.08
CA ILE B 472 -13.09 -13.28 -16.94
C ILE B 472 -13.54 -14.63 -17.47
N TYR B 473 -14.83 -14.96 -17.37
CA TYR B 473 -15.32 -16.25 -17.85
C TYR B 473 -15.41 -16.26 -19.36
N ARG B 474 -16.05 -15.24 -19.96
CA ARG B 474 -16.17 -15.17 -21.41
C ARG B 474 -14.83 -15.03 -22.11
N ALA B 475 -13.81 -14.51 -21.41
CA ALA B 475 -12.49 -14.35 -22.00
C ALA B 475 -11.71 -15.66 -22.07
N PHE B 476 -12.16 -16.71 -21.39
CA PHE B 476 -11.45 -17.97 -21.40
C PHE B 476 -11.96 -18.87 -22.51
N SER B 477 -11.04 -19.64 -23.10
CA SER B 477 -11.29 -20.48 -24.26
C SER B 477 -10.51 -21.77 -24.11
N PRO B 478 -11.03 -22.88 -24.67
CA PRO B 478 -10.24 -24.13 -24.68
C PRO B 478 -8.90 -23.97 -25.37
N CYS B 479 -8.74 -22.98 -26.24
CA CYS B 479 -7.48 -22.77 -26.94
C CYS B 479 -6.33 -22.56 -25.96
N PHE B 480 -6.62 -22.08 -24.76
CA PHE B 480 -5.57 -21.86 -23.77
C PHE B 480 -4.95 -23.16 -23.27
N LEU B 481 -5.67 -24.28 -23.40
CA LEU B 481 -5.15 -25.59 -22.99
C LEU B 481 -4.91 -26.51 -24.19
N GLY B 482 -4.69 -25.92 -25.36
CA GLY B 482 -4.62 -26.68 -26.59
C GLY B 482 -3.21 -27.00 -27.04
N LEU B 483 -3.14 -27.77 -28.13
CA LEU B 483 -1.91 -28.14 -28.81
C LEU B 483 -1.80 -27.47 -30.17
N ARG B 484 -2.55 -26.40 -30.38
CA ARG B 484 -2.36 -25.54 -31.54
C ARG B 484 -1.30 -24.50 -31.22
N TYR B 485 -0.34 -24.32 -32.12
CA TYR B 485 0.71 -23.34 -31.94
C TYR B 485 0.74 -22.31 -33.06
N ASP B 486 -0.26 -22.34 -33.95
CA ASP B 486 -0.39 -21.38 -35.03
C ASP B 486 -1.14 -20.13 -34.61
N LEU B 487 -1.64 -20.07 -33.38
CA LEU B 487 -2.50 -18.98 -32.93
C LEU B 487 -1.65 -17.73 -32.67
N HIS B 488 -1.26 -17.09 -33.76
CA HIS B 488 -0.47 -15.87 -33.75
C HIS B 488 -1.29 -14.74 -34.38
N PRO B 489 -0.89 -13.48 -34.17
CA PRO B 489 -1.71 -12.36 -34.68
C PRO B 489 -2.05 -12.42 -36.15
N ALA B 490 -1.13 -12.86 -37.01
CA ALA B 490 -1.43 -12.95 -38.44
C ALA B 490 -2.49 -14.02 -38.71
N LYS B 491 -2.29 -15.23 -38.16
CA LYS B 491 -3.27 -16.29 -38.32
C LYS B 491 -4.63 -15.88 -37.78
N LEU B 492 -4.66 -15.36 -36.55
CA LEU B 492 -5.92 -14.94 -35.95
C LEU B 492 -6.59 -13.85 -36.77
N ARG B 493 -5.80 -12.93 -37.33
CA ARG B 493 -6.35 -11.95 -38.26
C ARG B 493 -7.02 -12.65 -39.43
N ALA B 494 -6.38 -13.68 -39.96
CA ALA B 494 -6.97 -14.44 -41.07
C ALA B 494 -8.20 -15.24 -40.66
N GLU B 495 -8.35 -15.54 -39.37
CA GLU B 495 -9.45 -16.37 -38.87
C GLU B 495 -10.63 -15.57 -38.38
N ALA B 496 -10.57 -14.24 -38.41
CA ALA B 496 -11.65 -13.42 -37.91
C ALA B 496 -12.75 -13.27 -38.96
N PRO B 497 -14.01 -13.13 -38.54
CA PRO B 497 -15.13 -12.94 -39.47
C PRO B 497 -15.54 -11.48 -39.61
N ARG B 504 -17.34 -5.02 -37.64
CA ARG B 504 -16.76 -3.68 -37.76
C ARG B 504 -15.24 -3.74 -37.83
N THR B 505 -14.60 -2.59 -37.59
CA THR B 505 -13.15 -2.48 -37.61
C THR B 505 -12.50 -2.83 -36.28
N ALA B 506 -13.25 -3.45 -35.36
CA ALA B 506 -12.71 -3.87 -34.09
C ALA B 506 -11.87 -5.15 -34.20
N VAL B 507 -11.89 -5.81 -35.35
CA VAL B 507 -11.09 -7.02 -35.54
C VAL B 507 -9.60 -6.72 -35.34
N ALA B 508 -9.19 -5.46 -35.56
CA ALA B 508 -7.81 -5.10 -35.29
C ALA B 508 -7.47 -5.29 -33.82
N ARG B 509 -8.37 -4.87 -32.92
CA ARG B 509 -8.12 -5.03 -31.50
C ARG B 509 -8.37 -6.46 -31.04
N GLY B 510 -9.53 -7.02 -31.42
CA GLY B 510 -9.90 -8.34 -30.93
C GLY B 510 -8.88 -9.41 -31.26
N THR B 511 -8.31 -9.35 -32.47
CA THR B 511 -7.29 -10.33 -32.84
C THR B 511 -5.99 -10.12 -32.05
N SER B 512 -5.67 -8.87 -31.72
CA SER B 512 -4.43 -8.61 -30.99
C SER B 512 -4.54 -9.05 -29.54
N GLY B 513 -5.52 -8.51 -28.82
CA GLY B 513 -5.67 -8.81 -27.41
C GLY B 513 -5.75 -10.31 -27.13
N PHE B 514 -6.63 -11.00 -27.86
CA PHE B 514 -6.71 -12.46 -27.75
C PHE B 514 -5.33 -13.08 -27.87
N ALA B 515 -4.59 -12.73 -28.93
CA ALA B 515 -3.23 -13.23 -29.10
C ALA B 515 -2.40 -12.97 -27.86
N GLU B 516 -2.45 -11.75 -27.33
CA GLU B 516 -1.77 -11.43 -26.08
C GLU B 516 -2.16 -12.43 -25.00
N LEU B 517 -3.45 -12.56 -24.73
CA LEU B 517 -3.88 -13.50 -23.70
C LEU B 517 -3.57 -14.93 -24.07
N LEU B 518 -3.44 -15.24 -25.36
CA LEU B 518 -3.01 -16.58 -25.75
C LEU B 518 -1.54 -16.78 -25.44
N HIS B 519 -0.72 -15.74 -25.59
CA HIS B 519 0.71 -15.89 -25.34
C HIS B 519 1.00 -16.11 -23.87
N ALA B 520 0.16 -15.57 -22.98
CA ALA B 520 0.42 -15.63 -21.55
C ALA B 520 -0.26 -16.81 -20.86
N LEU B 521 -1.33 -17.36 -21.44
CA LEU B 521 -2.12 -18.39 -20.79
C LEU B 521 -2.08 -19.73 -21.52
N HIS B 522 -1.11 -19.92 -22.41
CA HIS B 522 -1.02 -21.18 -23.15
C HIS B 522 -0.06 -22.14 -22.47
N LEU B 523 -0.36 -23.43 -22.61
CA LEU B 523 0.38 -24.51 -21.96
C LEU B 523 0.41 -24.32 -20.44
N LEU B 528 4.16 -30.56 -24.82
CA LEU B 528 5.38 -30.95 -25.54
C LEU B 528 6.27 -31.81 -24.67
N ILE B 529 6.24 -31.57 -23.37
CA ILE B 529 7.03 -32.32 -22.40
C ILE B 529 6.53 -33.74 -22.18
N PRO B 530 5.30 -34.15 -22.62
CA PRO B 530 4.96 -35.58 -22.62
C PRO B 530 5.97 -36.51 -23.29
N ALA B 531 5.67 -36.95 -24.52
CA ALA B 531 6.43 -38.04 -25.11
C ALA B 531 7.06 -37.68 -26.46
N ILE B 532 7.61 -38.69 -27.13
CA ILE B 532 8.21 -38.59 -28.45
C ILE B 532 9.40 -37.63 -28.44
N ASN B 533 10.59 -38.15 -28.16
CA ASN B 533 11.82 -37.40 -28.29
C ASN B 533 12.54 -37.65 -29.61
N CYS B 534 12.18 -38.71 -30.32
CA CYS B 534 12.77 -39.00 -31.61
C CYS B 534 12.27 -38.02 -32.68
N ILE B 537 13.51 -35.07 -32.82
CA ILE B 537 14.46 -33.99 -33.08
C ILE B 537 13.79 -32.94 -33.96
N THR B 538 13.01 -32.06 -33.33
CA THR B 538 12.27 -31.01 -34.01
C THR B 538 12.66 -29.65 -33.45
N ALA B 539 12.18 -28.60 -34.10
CA ALA B 539 12.45 -27.22 -33.73
C ALA B 539 11.18 -26.57 -33.21
N ASP B 540 11.06 -25.24 -33.34
CA ASP B 540 9.86 -24.50 -32.98
C ASP B 540 9.00 -24.18 -34.19
N LYS B 541 9.18 -24.90 -35.28
CA LYS B 541 8.35 -24.75 -36.49
C LYS B 541 7.21 -25.75 -36.50
N ILE B 542 6.51 -25.84 -35.38
CA ILE B 542 5.42 -26.80 -35.20
C ILE B 542 4.10 -26.04 -35.30
N ILE B 543 3.25 -26.47 -36.23
CA ILE B 543 1.91 -25.88 -36.33
C ILE B 543 0.97 -26.50 -35.31
N ALA B 544 1.02 -27.83 -35.16
CA ALA B 544 0.14 -28.51 -34.22
C ALA B 544 0.72 -29.87 -33.86
N THR B 545 0.22 -30.41 -32.75
CA THR B 545 0.63 -31.72 -32.23
C THR B 545 -0.60 -32.55 -31.93
N VAL B 546 -0.65 -33.76 -32.47
CA VAL B 546 -1.81 -34.65 -32.32
C VAL B 546 -1.36 -35.97 -31.74
N PRO B 547 -1.55 -36.22 -30.44
CA PRO B 547 -1.07 -37.47 -29.85
C PRO B 547 -2.15 -38.54 -29.76
N LEU B 548 -2.19 -39.43 -30.74
CA LEU B 548 -3.10 -40.56 -30.74
C LEU B 548 -2.52 -41.69 -29.88
N PRO B 549 -3.31 -42.73 -29.59
CA PRO B 549 -2.78 -43.82 -28.74
C PRO B 549 -1.49 -44.44 -29.24
N HIS B 550 -1.41 -44.79 -30.53
CA HIS B 550 -0.29 -45.55 -31.05
C HIS B 550 0.58 -44.80 -32.05
N VAL B 551 0.22 -43.56 -32.40
CA VAL B 551 1.04 -42.73 -33.28
C VAL B 551 0.80 -41.28 -32.90
N THR B 552 1.85 -40.47 -33.03
CA THR B 552 1.77 -39.04 -32.78
C THR B 552 2.10 -38.29 -34.06
N TYR B 553 1.23 -37.38 -34.44
CA TYR B 553 1.41 -36.57 -35.64
C TYR B 553 1.94 -35.19 -35.24
N ILE B 554 2.96 -34.74 -35.94
CA ILE B 554 3.48 -33.39 -35.81
C ILE B 554 3.17 -32.68 -37.11
N ILE B 555 2.26 -31.70 -37.06
CA ILE B 555 2.00 -30.82 -38.19
C ILE B 555 3.00 -29.70 -38.08
N SER B 556 4.01 -29.71 -38.96
CA SER B 556 5.13 -28.79 -38.87
C SER B 556 5.40 -28.16 -40.22
N SER B 557 6.32 -27.19 -40.23
CA SER B 557 6.71 -26.52 -41.45
C SER B 557 7.69 -27.32 -42.29
N GLU B 558 8.23 -28.41 -41.75
CA GLU B 558 9.20 -29.22 -42.49
C GLU B 558 9.10 -30.66 -42.02
N ALA B 559 9.65 -31.56 -42.84
CA ALA B 559 9.62 -32.98 -42.56
C ALA B 559 10.48 -33.31 -41.35
N LEU B 560 10.29 -34.53 -40.84
CA LEU B 560 11.01 -35.03 -39.68
C LEU B 560 11.76 -36.30 -40.04
N SER B 561 12.89 -36.52 -39.35
CA SER B 561 13.79 -37.62 -39.67
C SER B 561 13.15 -38.98 -39.43
N ASN B 562 12.91 -39.32 -38.16
CA ASN B 562 12.34 -40.62 -37.80
C ASN B 562 10.82 -40.51 -37.80
N ALA B 563 10.25 -40.51 -39.00
CA ALA B 563 8.80 -40.34 -39.14
C ALA B 563 8.37 -40.78 -40.53
N VAL B 564 7.06 -40.96 -40.68
CA VAL B 564 6.42 -41.09 -41.97
C VAL B 564 5.88 -39.72 -42.33
N VAL B 565 6.44 -39.10 -43.38
CA VAL B 565 6.13 -37.72 -43.72
C VAL B 565 5.04 -37.71 -44.78
N TYR B 566 4.06 -36.82 -44.59
CA TYR B 566 3.03 -36.56 -45.58
C TYR B 566 3.10 -35.09 -45.95
N GLU B 567 3.24 -34.80 -47.24
CA GLU B 567 3.22 -33.44 -47.73
C GLU B 567 1.77 -33.04 -48.01
N VAL B 568 1.32 -31.96 -47.37
CA VAL B 568 -0.07 -31.54 -47.52
C VAL B 568 -0.26 -30.94 -48.91
N SER B 569 -1.26 -31.43 -49.62
CA SER B 569 -1.53 -31.01 -50.99
C SER B 569 -2.55 -29.87 -51.03
N GLU B 570 -2.58 -29.19 -52.17
CA GLU B 570 -3.59 -28.15 -52.46
C GLU B 570 -3.54 -27.03 -51.42
N ILE B 571 -2.34 -26.56 -51.13
CA ILE B 571 -2.14 -25.51 -50.14
C ILE B 571 -1.13 -24.51 -50.68
N PHE B 572 -1.24 -23.27 -50.21
CA PHE B 572 -0.34 -22.21 -50.65
C PHE B 572 1.10 -22.52 -50.23
N LEU B 573 2.05 -22.03 -51.05
CA LEU B 573 3.45 -22.39 -50.86
C LEU B 573 3.96 -21.96 -49.49
N LYS B 574 3.58 -20.78 -49.02
CA LYS B 574 4.05 -20.29 -47.73
C LYS B 574 3.24 -20.83 -46.56
N SER B 575 2.11 -21.47 -46.83
CA SER B 575 1.37 -22.19 -45.81
C SER B 575 1.69 -23.68 -45.80
N ALA B 576 2.74 -24.09 -46.50
CA ALA B 576 3.04 -25.51 -46.70
C ALA B 576 3.20 -26.23 -45.38
N MET B 577 2.65 -27.44 -45.32
CA MET B 577 2.65 -28.25 -44.11
C MET B 577 3.26 -29.61 -44.38
N PHE B 578 3.75 -30.23 -43.31
CA PHE B 578 4.22 -31.61 -43.34
C PHE B 578 3.70 -32.29 -42.09
N ILE B 579 2.95 -33.37 -42.29
CA ILE B 579 2.42 -34.17 -41.20
C ILE B 579 3.36 -35.36 -41.00
N SER B 580 4.12 -35.33 -39.91
CA SER B 580 5.10 -36.38 -39.62
C SER B 580 4.51 -37.31 -38.57
N ALA B 581 4.43 -38.60 -38.88
CA ALA B 581 3.90 -39.62 -37.99
C ALA B 581 5.05 -40.36 -37.32
N ILE B 582 5.11 -40.30 -35.99
CA ILE B 582 6.15 -40.96 -35.22
C ILE B 582 5.48 -41.89 -34.22
N LYS B 583 6.07 -43.10 -34.03
CA LYS B 583 5.47 -43.90 -32.98
C LYS B 583 6.10 -43.60 -31.63
N PRO B 584 5.33 -43.71 -30.54
CA PRO B 584 5.86 -43.31 -29.22
C PRO B 584 7.10 -44.08 -28.79
N ASP B 585 7.20 -45.36 -29.12
CA ASP B 585 8.40 -46.13 -28.83
C ASP B 585 9.51 -45.89 -29.84
N CYS B 586 9.36 -44.89 -30.70
CA CYS B 586 10.34 -44.49 -31.71
C CYS B 586 10.67 -45.63 -32.68
N SER B 587 9.76 -46.58 -32.83
CA SER B 587 9.94 -47.67 -33.77
C SER B 587 9.28 -47.34 -35.10
N GLY B 588 9.76 -48.00 -36.16
CA GLY B 588 9.19 -47.79 -37.48
C GLY B 588 7.91 -48.55 -37.68
N PHE B 589 7.19 -48.18 -38.74
CA PHE B 589 5.90 -48.79 -39.06
C PHE B 589 6.12 -50.02 -39.95
N ASN B 590 5.03 -50.78 -40.14
CA ASN B 590 5.09 -51.95 -41.00
C ASN B 590 4.93 -51.58 -42.47
N PHE B 591 4.07 -50.60 -42.77
CA PHE B 591 3.89 -50.14 -44.13
C PHE B 591 5.00 -49.16 -44.51
N SER B 592 5.35 -49.15 -45.78
CA SER B 592 6.44 -48.30 -46.29
C SER B 592 5.95 -47.62 -47.56
N GLN B 593 5.58 -46.35 -47.44
CA GLN B 593 5.18 -45.57 -48.60
C GLN B 593 6.38 -45.24 -49.47
N ILE B 594 6.21 -45.34 -50.79
CA ILE B 594 7.22 -44.93 -51.74
C ILE B 594 6.92 -43.52 -52.28
N ASP B 595 6.15 -42.74 -51.53
CA ASP B 595 5.72 -41.41 -51.95
C ASP B 595 5.01 -40.73 -50.79
N ARG B 596 5.34 -39.48 -50.50
CA ARG B 596 4.76 -38.78 -49.36
C ARG B 596 3.46 -38.04 -49.71
N HIS B 597 2.74 -38.50 -50.72
CA HIS B 597 1.46 -37.90 -51.06
C HIS B 597 0.38 -38.41 -50.10
N ILE B 598 -0.67 -37.60 -49.94
CA ILE B 598 -1.81 -37.94 -49.10
C ILE B 598 -2.91 -38.48 -50.01
N PRO B 599 -3.17 -39.78 -50.01
CA PRO B 599 -4.20 -40.33 -50.91
C PRO B 599 -5.58 -39.79 -50.58
N ILE B 600 -6.47 -39.89 -51.57
CA ILE B 600 -7.81 -39.33 -51.50
C ILE B 600 -8.83 -40.45 -51.49
N VAL B 601 -9.81 -40.35 -50.61
CA VAL B 601 -10.94 -41.26 -50.54
C VAL B 601 -12.21 -40.44 -50.75
N TYR B 602 -13.24 -41.11 -51.28
CA TYR B 602 -14.49 -40.43 -51.62
C TYR B 602 -15.67 -41.12 -50.94
N ASN B 603 -16.57 -40.31 -50.39
CA ASN B 603 -17.81 -40.79 -49.77
C ASN B 603 -17.55 -41.84 -48.69
N PRO B 607 -21.14 -40.42 -43.13
CA PRO B 607 -21.50 -40.78 -41.76
C PRO B 607 -20.79 -42.05 -41.28
N ARG B 608 -21.54 -43.02 -40.76
CA ARG B 608 -20.94 -44.25 -40.27
C ARG B 608 -22.02 -45.28 -39.99
N ARG B 609 -21.64 -46.55 -40.09
CA ARG B 609 -22.49 -47.67 -39.68
C ARG B 609 -21.96 -48.38 -38.44
N GLY B 610 -20.73 -48.09 -38.02
CA GLY B 610 -20.18 -48.56 -36.77
C GLY B 610 -19.44 -47.44 -36.08
N CYS B 611 -18.11 -47.49 -36.09
CA CYS B 611 -17.28 -46.33 -35.75
C CYS B 611 -15.93 -46.47 -36.43
N PRO B 612 -15.87 -46.24 -37.75
CA PRO B 612 -14.56 -46.24 -38.42
C PRO B 612 -13.68 -45.07 -38.03
N LEU B 613 -14.27 -43.94 -37.63
CA LEU B 613 -13.52 -42.76 -37.27
C LEU B 613 -13.04 -42.76 -35.82
N CYS B 614 -13.40 -43.78 -35.04
CA CYS B 614 -12.94 -43.85 -33.66
C CYS B 614 -11.42 -43.92 -33.61
N ASP B 615 -10.85 -43.26 -32.59
CA ASP B 615 -9.41 -43.21 -32.39
C ASP B 615 -8.68 -42.58 -33.58
N SER B 616 -9.31 -41.57 -34.17
CA SER B 616 -8.71 -40.84 -35.29
C SER B 616 -9.00 -39.36 -35.11
N VAL B 617 -8.43 -38.55 -36.00
CA VAL B 617 -8.62 -37.10 -35.95
C VAL B 617 -9.06 -36.61 -37.33
N ILE B 618 -10.09 -35.78 -37.36
CA ILE B 618 -10.54 -35.14 -38.58
C ILE B 618 -10.04 -33.70 -38.55
N MET B 619 -9.27 -33.31 -39.57
CA MET B 619 -8.63 -31.99 -39.60
C MET B 619 -8.98 -31.27 -40.88
N SER B 620 -9.50 -30.06 -40.75
CA SER B 620 -9.76 -29.20 -41.89
C SER B 620 -8.60 -28.22 -42.08
N TYR B 621 -8.38 -27.82 -43.32
CA TYR B 621 -7.40 -26.78 -43.60
C TYR B 621 -7.81 -25.99 -44.83
N ASP B 622 -7.54 -24.69 -44.79
CA ASP B 622 -7.89 -23.76 -45.86
C ASP B 622 -6.72 -23.62 -46.82
N GLU B 623 -7.03 -23.51 -48.12
CA GLU B 623 -6.00 -23.51 -49.14
C GLU B 623 -5.02 -22.33 -49.00
N SER B 624 -5.42 -21.26 -48.33
CA SER B 624 -4.55 -20.11 -48.13
C SER B 624 -4.19 -19.85 -46.68
N ASP B 625 -5.03 -20.26 -45.72
CA ASP B 625 -4.83 -19.93 -44.32
C ASP B 625 -4.50 -21.16 -43.47
N GLY B 626 -4.14 -22.27 -44.10
CA GLY B 626 -3.63 -23.41 -43.36
C GLY B 626 -4.66 -24.04 -42.44
N LEU B 627 -4.20 -24.44 -41.25
CA LEU B 627 -5.03 -25.21 -40.34
C LEU B 627 -6.22 -24.40 -39.84
N GLN B 628 -7.40 -25.04 -39.86
CA GLN B 628 -8.62 -24.41 -39.39
C GLN B 628 -9.16 -25.08 -38.13
N SER B 629 -9.50 -26.37 -38.21
CA SER B 629 -10.01 -27.11 -37.07
C SER B 629 -9.44 -28.51 -37.09
N LEU B 630 -9.40 -29.13 -35.92
CA LEU B 630 -9.05 -30.55 -35.83
C LEU B 630 -9.80 -31.12 -34.63
N MET B 631 -10.41 -32.29 -34.83
CA MET B 631 -11.27 -32.88 -33.81
C MET B 631 -10.91 -34.34 -33.61
N TYR B 632 -10.61 -34.69 -32.37
CA TYR B 632 -10.44 -36.08 -31.95
C TYR B 632 -11.80 -36.74 -31.85
N VAL B 633 -11.93 -37.93 -32.45
CA VAL B 633 -13.19 -38.67 -32.47
C VAL B 633 -13.13 -39.67 -31.33
N THR B 634 -13.71 -39.30 -30.18
CA THR B 634 -13.58 -40.13 -28.99
C THR B 634 -14.59 -41.28 -28.96
N ASN B 635 -15.79 -41.07 -29.50
CA ASN B 635 -16.83 -42.09 -29.44
C ASN B 635 -17.72 -41.96 -30.67
N GLU B 636 -18.81 -42.72 -30.66
CA GLU B 636 -19.70 -42.76 -31.82
C GLU B 636 -20.48 -41.47 -32.00
N ARG B 637 -20.78 -40.77 -30.90
CA ARG B 637 -21.60 -39.57 -30.99
C ARG B 637 -20.80 -38.36 -31.45
N VAL B 638 -19.53 -38.27 -31.04
CA VAL B 638 -18.63 -37.30 -31.66
C VAL B 638 -18.59 -37.54 -33.17
N GLN B 639 -18.48 -38.81 -33.57
CA GLN B 639 -18.42 -39.17 -34.97
C GLN B 639 -19.65 -38.71 -35.73
N THR B 640 -20.84 -39.03 -35.21
CA THR B 640 -22.06 -38.67 -35.94
C THR B 640 -22.34 -37.17 -35.85
N ASN B 641 -21.96 -36.51 -34.76
CA ASN B 641 -22.15 -35.07 -34.64
C ASN B 641 -21.19 -34.28 -35.52
N LEU B 642 -20.07 -34.88 -35.92
CA LEU B 642 -19.19 -34.24 -36.89
C LEU B 642 -19.93 -33.83 -38.16
N PHE B 643 -21.08 -34.45 -38.44
CA PHE B 643 -21.82 -34.21 -39.68
C PHE B 643 -23.04 -33.33 -39.46
N LEU B 644 -23.06 -32.53 -38.40
CA LEU B 644 -24.16 -31.61 -38.15
C LEU B 644 -23.91 -30.29 -38.88
N ASP B 645 -24.98 -29.51 -39.03
CA ASP B 645 -24.88 -28.26 -39.78
C ASP B 645 -23.99 -27.25 -39.07
N LYS B 646 -24.01 -27.23 -37.75
CA LYS B 646 -23.15 -26.34 -36.99
C LYS B 646 -21.76 -26.92 -36.74
N SER B 647 -21.49 -28.11 -37.27
CA SER B 647 -20.16 -28.69 -37.14
C SER B 647 -19.15 -27.95 -38.01
N PRO B 648 -17.88 -27.92 -37.60
CA PRO B 648 -16.88 -27.19 -38.39
C PRO B 648 -16.33 -27.98 -39.57
N PHE B 649 -17.04 -29.03 -39.97
CA PHE B 649 -16.56 -29.93 -41.01
C PHE B 649 -17.64 -30.17 -42.07
N PHE B 650 -17.17 -30.52 -43.26
CA PHE B 650 -18.03 -30.96 -44.36
C PHE B 650 -19.05 -29.89 -44.76
N ASP B 651 -18.61 -28.64 -44.77
CA ASP B 651 -19.41 -27.52 -45.25
C ASP B 651 -19.24 -27.42 -46.77
N ASN B 652 -20.28 -27.83 -47.51
CA ASN B 652 -20.19 -27.86 -48.96
C ASN B 652 -20.14 -26.46 -49.57
N ASN B 653 -20.55 -25.43 -48.83
CA ASN B 653 -20.54 -24.06 -49.33
C ASN B 653 -19.15 -23.44 -49.39
N ASN B 654 -18.13 -24.13 -48.92
CA ASN B 654 -16.76 -23.60 -48.88
C ASN B 654 -15.97 -24.19 -50.04
N LEU B 655 -15.52 -23.32 -50.96
CA LEU B 655 -14.87 -23.73 -52.19
C LEU B 655 -13.36 -23.86 -52.06
N HIS B 656 -12.82 -23.84 -50.85
CA HIS B 656 -11.38 -23.86 -50.67
C HIS B 656 -11.03 -24.44 -49.30
N ILE B 657 -11.68 -25.54 -48.93
CA ILE B 657 -11.43 -26.23 -47.67
C ILE B 657 -11.17 -27.69 -47.98
N HIS B 658 -10.23 -28.30 -47.24
CA HIS B 658 -9.88 -29.69 -47.45
C HIS B 658 -9.88 -30.41 -46.11
N TYR B 659 -10.35 -31.66 -46.12
CA TYR B 659 -10.53 -32.45 -44.91
C TYR B 659 -9.62 -33.66 -44.96
N LEU B 660 -8.86 -33.86 -43.88
CA LEU B 660 -7.91 -34.95 -43.77
C LEU B 660 -8.28 -35.85 -42.60
N TRP B 661 -8.16 -37.15 -42.83
CA TRP B 661 -8.42 -38.18 -41.83
C TRP B 661 -7.07 -38.72 -41.38
N LEU B 662 -6.77 -38.55 -40.10
CA LEU B 662 -5.53 -38.99 -39.48
C LEU B 662 -5.86 -40.20 -38.62
N ARG B 663 -5.50 -41.39 -39.11
CA ARG B 663 -5.83 -42.63 -38.44
C ARG B 663 -4.75 -43.01 -37.42
N ASP B 664 -5.06 -44.03 -36.62
CA ASP B 664 -4.20 -44.40 -35.51
C ASP B 664 -3.01 -45.27 -35.93
N ASN B 665 -3.05 -45.84 -37.14
CA ASN B 665 -1.96 -46.70 -37.58
C ASN B 665 -0.90 -45.95 -38.38
N GLY B 666 -1.02 -44.64 -38.53
CA GLY B 666 -0.05 -43.84 -39.24
C GLY B 666 -0.46 -43.40 -40.62
N THR B 667 -1.63 -43.81 -41.09
CA THR B 667 -2.08 -43.45 -42.44
C THR B 667 -2.90 -42.17 -42.40
N VAL B 668 -2.72 -41.35 -43.42
CA VAL B 668 -3.43 -40.07 -43.56
C VAL B 668 -4.08 -40.04 -44.94
N VAL B 669 -5.36 -39.71 -44.99
CA VAL B 669 -6.08 -39.62 -46.25
C VAL B 669 -6.85 -38.31 -46.32
N GLU B 670 -7.45 -38.06 -47.48
CA GLU B 670 -8.26 -36.86 -47.70
C GLU B 670 -9.68 -37.26 -48.04
N ILE B 671 -10.64 -36.68 -47.34
CA ILE B 671 -12.06 -36.98 -47.50
C ILE B 671 -12.67 -35.96 -48.45
N ARG B 672 -13.28 -36.44 -49.52
CA ARG B 672 -13.98 -35.59 -50.47
C ARG B 672 -15.34 -36.21 -50.80
N GLY B 673 -16.16 -35.46 -51.53
CA GLY B 673 -17.48 -35.92 -51.92
C GLY B 673 -18.53 -35.75 -50.84
N ARG C 1 8.30 26.06 34.89
CA ARG C 1 8.14 26.16 33.44
C ARG C 1 6.66 26.25 33.07
N SER C 2 5.93 27.14 33.74
CA SER C 2 4.49 27.25 33.56
C SER C 2 4.07 28.36 32.62
N TYR C 3 4.63 29.57 32.77
CA TYR C 3 4.24 30.69 31.94
C TYR C 3 5.47 31.33 31.29
N VAL C 4 5.39 31.54 29.97
CA VAL C 4 6.50 32.03 29.17
C VAL C 4 6.35 33.54 28.99
N ALA C 5 7.48 34.26 29.07
CA ALA C 5 7.46 35.70 28.90
C ALA C 5 7.38 36.13 27.44
N LEU C 6 7.79 35.28 26.50
CA LEU C 6 7.73 35.56 25.07
C LEU C 6 6.95 34.43 24.40
N PRO C 7 5.61 34.48 24.45
CA PRO C 7 4.82 33.35 23.94
C PRO C 7 4.93 33.18 22.43
N CYS C 8 5.19 34.25 21.70
CA CYS C 8 5.29 34.19 20.24
C CYS C 8 6.76 34.17 19.82
N CYS C 9 7.06 33.41 18.77
CA CYS C 9 8.43 33.23 18.35
C CYS C 9 8.49 32.97 16.86
N ALA C 10 9.68 33.14 16.30
CA ALA C 10 9.96 32.90 14.89
C ALA C 10 10.74 31.62 14.74
N ILE C 11 10.36 30.80 13.76
CA ILE C 11 11.05 29.55 13.49
C ILE C 11 12.35 29.86 12.74
N GLN C 12 13.46 29.35 13.26
CA GLN C 12 14.78 29.61 12.71
C GLN C 12 15.24 28.45 11.85
N ALA C 13 15.93 28.77 10.75
CA ALA C 13 16.38 27.74 9.82
C ALA C 13 17.41 26.80 10.45
N SER C 14 18.11 27.25 11.48
CA SER C 14 19.13 26.42 12.11
C SER C 14 18.55 25.40 13.09
N ALA C 15 17.28 25.54 13.45
CA ALA C 15 16.72 24.70 14.50
C ALA C 15 16.56 23.25 14.06
N ALA C 16 16.33 23.01 12.77
CA ALA C 16 16.11 21.65 12.30
C ALA C 16 17.29 20.73 12.60
N SER C 17 18.50 21.27 12.60
CA SER C 17 19.69 20.47 12.85
C SER C 17 20.11 20.44 14.32
N THR C 18 19.63 21.40 15.12
CA THR C 18 20.00 21.49 16.53
C THR C 18 18.79 21.25 17.44
N LEU C 19 17.82 20.48 16.97
CA LEU C 19 16.67 20.16 17.79
C LEU C 19 17.10 19.32 18.99
N PRO C 20 16.54 19.58 20.18
CA PRO C 20 16.84 18.71 21.32
C PRO C 20 16.16 17.36 21.15
N LEU C 21 16.77 16.33 21.73
CA LEU C 21 16.15 15.02 21.75
C LEU C 21 14.81 15.10 22.48
N PHE C 22 13.86 14.24 22.07
CA PHE C 22 12.53 14.29 22.64
C PHE C 22 12.56 14.11 24.15
N PHE C 23 13.40 13.20 24.64
CA PHE C 23 13.49 12.94 26.07
C PHE C 23 14.18 14.06 26.84
N ALA C 24 14.69 15.07 26.15
CA ALA C 24 15.30 16.23 26.80
C ALA C 24 14.33 17.38 26.99
N VAL C 25 13.16 17.34 26.33
CA VAL C 25 12.20 18.43 26.44
C VAL C 25 11.54 18.38 27.81
N HIS C 26 11.64 19.49 28.56
CA HIS C 26 10.91 19.60 29.81
C HIS C 26 9.44 19.89 29.56
N SER C 27 9.14 20.91 28.75
CA SER C 27 7.74 21.29 28.60
C SER C 27 7.48 21.79 27.18
N ILE C 28 6.20 21.73 26.79
CA ILE C 28 5.73 22.23 25.51
C ILE C 28 4.74 23.34 25.78
N HIS C 29 4.88 24.47 25.09
CA HIS C 29 4.01 25.62 25.28
C HIS C 29 3.37 25.98 23.94
N PHE C 30 2.05 25.80 23.85
CA PHE C 30 1.29 26.08 22.65
C PHE C 30 0.64 27.46 22.75
N ALA C 31 0.53 28.11 21.59
CA ALA C 31 -0.13 29.41 21.51
C ALA C 31 -1.57 29.23 21.07
N ASP C 32 -2.27 30.35 20.89
CA ASP C 32 -3.65 30.43 20.46
C ASP C 32 -3.73 30.89 19.01
N PRO C 33 -4.75 30.47 18.26
CA PRO C 33 -5.04 31.14 16.98
C PRO C 33 -5.43 32.60 17.17
N ASN C 34 -5.86 33.00 18.36
CA ASN C 34 -6.15 34.40 18.67
C ASN C 34 -4.94 35.13 19.25
N HIS C 35 -3.74 34.56 19.09
CA HIS C 35 -2.52 35.21 19.53
C HIS C 35 -1.43 34.94 18.50
N CYS C 36 -0.35 35.72 18.61
CA CYS C 36 0.80 35.59 17.72
C CYS C 36 0.42 35.77 16.26
N ASN C 37 -0.52 36.69 16.00
CA ASN C 37 -0.95 37.01 14.64
C ASN C 37 -1.48 35.77 13.92
N GLY C 38 -2.05 34.83 14.66
CA GLY C 38 -2.55 33.58 14.11
C GLY C 38 -1.49 32.54 13.80
N VAL C 39 -0.20 32.89 13.95
CA VAL C 39 0.88 32.01 13.55
C VAL C 39 0.90 30.78 14.47
N SER C 40 0.82 29.60 13.87
CA SER C 40 0.85 28.35 14.63
C SER C 40 2.31 28.02 14.95
N ILE C 41 2.76 28.47 16.12
CA ILE C 41 4.09 28.16 16.61
C ILE C 41 3.96 27.51 17.98
N ALA C 42 5.09 27.01 18.47
CA ALA C 42 5.13 26.44 19.81
C ALA C 42 6.54 26.57 20.36
N LYS C 43 6.67 26.41 21.67
CA LYS C 43 7.96 26.55 22.32
C LYS C 43 8.29 25.30 23.12
N LEU C 44 9.37 24.63 22.74
CA LEU C 44 9.96 23.60 23.59
C LEU C 44 10.84 24.26 24.63
N ARG C 45 10.74 23.80 25.87
CA ARG C 45 11.62 24.22 26.95
C ARG C 45 12.40 23.01 27.42
N SER C 46 13.71 23.02 27.15
CA SER C 46 14.69 22.08 27.65
C SER C 46 15.69 22.84 28.53
N LYS C 47 16.79 22.18 28.91
CA LYS C 47 17.68 22.83 29.86
C LYS C 47 19.10 22.28 29.73
N THR C 48 20.08 23.18 29.68
CA THR C 48 21.49 22.85 29.74
C THR C 48 22.10 23.69 30.86
N GLY C 49 22.51 23.04 31.93
CA GLY C 49 23.09 23.76 33.07
C GLY C 49 22.09 24.74 33.66
N ASP C 50 22.56 25.97 33.89
CA ASP C 50 21.69 27.03 34.39
C ASP C 50 20.76 27.59 33.33
N ILE C 51 20.88 27.17 32.07
CA ILE C 51 20.23 27.84 30.96
C ILE C 51 19.06 27.01 30.49
N THR C 52 17.84 27.54 30.68
CA THR C 52 16.68 26.94 30.05
C THR C 52 16.66 27.33 28.58
N VAL C 53 16.68 26.34 27.70
CA VAL C 53 16.71 26.57 26.27
C VAL C 53 15.29 26.53 25.72
N GLU C 54 14.94 27.55 24.94
CA GLU C 54 13.62 27.67 24.33
C GLU C 54 13.77 27.56 22.82
N THR C 55 13.12 26.55 22.25
CA THR C 55 13.18 26.26 20.82
C THR C 55 11.82 26.53 20.19
N CYS C 56 11.81 27.35 19.14
CA CYS C 56 10.58 27.67 18.43
C CYS C 56 10.33 26.62 17.36
N VAL C 57 9.16 25.98 17.41
CA VAL C 57 8.85 24.85 16.56
C VAL C 57 7.52 25.07 15.84
N ASN C 58 7.31 24.27 14.80
CA ASN C 58 6.11 24.32 13.99
C ASN C 58 4.91 23.78 14.76
N GLY C 59 3.84 24.57 14.84
CA GLY C 59 2.67 24.15 15.59
C GLY C 59 1.98 22.95 14.96
N PHE C 60 1.78 22.98 13.64
CA PHE C 60 1.15 21.87 12.95
C PHE C 60 1.93 20.57 13.15
N ASN C 61 3.24 20.62 12.92
CA ASN C 61 4.05 19.41 12.98
C ASN C 61 4.11 18.86 14.41
N LEU C 62 4.26 19.73 15.40
CA LEU C 62 4.31 19.25 16.78
C LEU C 62 2.97 18.68 17.22
N ARG C 63 1.87 19.34 16.84
CA ARG C 63 0.55 18.81 17.16
C ARG C 63 0.34 17.45 16.50
N SER C 64 0.78 17.28 15.26
CA SER C 64 0.62 15.99 14.61
C SER C 64 1.49 14.92 15.26
N PHE C 65 2.68 15.30 15.72
CA PHE C 65 3.52 14.37 16.46
C PHE C 65 2.82 13.89 17.72
N LEU C 66 2.26 14.84 18.49
CA LEU C 66 1.58 14.44 19.72
C LEU C 66 0.33 13.62 19.43
N VAL C 67 -0.36 13.91 18.32
CA VAL C 67 -1.50 13.09 17.91
C VAL C 67 -1.04 11.66 17.64
N ALA C 68 0.04 11.51 16.89
CA ALA C 68 0.57 10.18 16.62
C ALA C 68 0.96 9.47 17.91
N VAL C 69 1.57 10.20 18.85
CA VAL C 69 2.02 9.59 20.09
C VAL C 69 0.83 9.10 20.90
N VAL C 70 -0.21 9.92 21.01
CA VAL C 70 -1.40 9.52 21.77
C VAL C 70 -2.12 8.37 21.09
N ARG C 71 -2.20 8.39 19.76
CA ARG C 71 -2.93 7.33 19.05
C ARG C 71 -2.26 5.97 19.19
N ARG C 72 -0.96 5.94 19.42
CA ARG C 72 -0.25 4.68 19.61
C ARG C 72 -0.33 4.17 21.04
N LEU C 73 -0.95 4.92 21.95
CA LEU C 73 -1.18 4.39 23.29
C LEU C 73 -2.31 3.37 23.30
N GLY C 74 -3.29 3.52 22.40
CA GLY C 74 -4.33 2.52 22.25
C GLY C 74 -5.19 2.38 23.48
N SER C 75 -5.35 1.14 23.94
CA SER C 75 -6.18 0.86 25.11
C SER C 75 -5.65 1.56 26.36
N TRP C 76 -4.34 1.82 26.42
CA TRP C 76 -3.74 2.44 27.58
C TRP C 76 -3.98 3.94 27.65
N ALA C 77 -4.61 4.53 26.62
CA ALA C 77 -4.87 5.97 26.63
C ALA C 77 -5.88 6.31 27.73
N SER C 78 -5.48 7.17 28.65
CA SER C 78 -6.33 7.52 29.77
C SER C 78 -7.31 8.62 29.36
N GLN C 79 -8.12 9.06 30.32
CA GLN C 79 -9.06 10.15 30.08
C GLN C 79 -8.31 11.42 29.68
N GLU C 80 -7.26 11.77 30.42
CA GLU C 80 -6.51 12.98 30.12
C GLU C 80 -5.77 12.87 28.79
N ASN C 81 -5.32 11.67 28.42
CA ASN C 81 -4.69 11.49 27.11
C ASN C 81 -5.68 11.79 25.99
N LEU C 82 -6.92 11.33 26.13
CA LEU C 82 -7.91 11.57 25.10
C LEU C 82 -8.35 13.03 25.07
N ARG C 83 -8.39 13.69 26.23
CA ARG C 83 -8.67 15.12 26.24
C ARG C 83 -7.55 15.90 25.55
N LEU C 84 -6.29 15.52 25.79
CA LEU C 84 -5.18 16.11 25.06
C LEU C 84 -5.33 15.89 23.56
N LEU C 85 -5.67 14.66 23.17
CA LEU C 85 -5.86 14.35 21.75
C LEU C 85 -6.93 15.24 21.14
N TRP C 86 -8.02 15.48 21.86
CA TRP C 86 -9.09 16.29 21.29
C TRP C 86 -8.68 17.76 21.20
N TYR C 87 -7.93 18.26 22.19
CA TYR C 87 -7.38 19.60 22.05
C TYR C 87 -6.52 19.68 20.79
N LEU C 88 -5.66 18.69 20.59
CA LEU C 88 -4.77 18.71 19.43
C LEU C 88 -5.55 18.73 18.13
N GLN C 89 -6.57 17.88 18.02
CA GLN C 89 -7.36 17.84 16.80
C GLN C 89 -8.09 19.17 16.56
N ARG C 90 -8.74 19.70 17.59
CA ARG C 90 -9.52 20.92 17.44
C ARG C 90 -8.61 22.10 17.07
N SER C 91 -7.47 22.22 17.76
CA SER C 91 -6.57 23.34 17.47
C SER C 91 -5.87 23.17 16.13
N LEU C 92 -5.63 21.92 15.69
CA LEU C 92 -5.12 21.71 14.34
C LEU C 92 -6.10 22.23 13.30
N THR C 93 -7.36 21.85 13.41
CA THR C 93 -8.34 22.35 12.43
C THR C 93 -8.50 23.86 12.54
N ALA C 94 -8.42 24.40 13.76
CA ALA C 94 -8.58 25.84 13.95
C ALA C 94 -7.44 26.62 13.29
N TYR C 95 -6.20 26.18 13.52
CA TYR C 95 -5.07 26.78 12.82
C TYR C 95 -5.12 26.52 11.31
N THR C 96 -5.81 25.47 10.88
CA THR C 96 -5.89 25.15 9.46
C THR C 96 -6.86 26.07 8.72
N VAL C 97 -7.98 26.44 9.35
CA VAL C 97 -8.93 27.30 8.66
C VAL C 97 -8.32 28.69 8.38
N GLY C 98 -7.32 29.09 9.16
CA GLY C 98 -6.70 30.39 8.97
C GLY C 98 -5.27 30.33 8.48
N PHE C 99 -4.87 29.20 7.89
CA PHE C 99 -3.51 29.06 7.39
C PHE C 99 -3.34 29.89 6.12
N ASN C 100 -2.45 30.87 6.16
CA ASN C 100 -2.24 31.80 5.05
C ASN C 100 -0.75 32.00 4.83
N ALA C 101 -0.42 32.80 3.82
CA ALA C 101 0.95 33.28 3.68
C ALA C 101 1.30 34.24 4.81
N THR C 102 0.32 35.04 5.24
CA THR C 102 0.52 35.88 6.42
C THR C 102 0.70 35.03 7.67
N THR C 103 0.08 33.86 7.71
CA THR C 103 0.11 33.02 8.91
C THR C 103 1.35 32.13 8.95
N ALA C 104 1.86 31.71 7.79
CA ALA C 104 3.11 30.96 7.75
C ALA C 104 4.31 31.84 8.08
N ASP C 105 4.15 33.16 8.04
CA ASP C 105 5.23 34.10 8.30
C ASP C 105 5.36 34.31 9.81
N SER C 106 6.34 33.65 10.42
CA SER C 106 6.59 33.78 11.85
C SER C 106 7.72 34.74 12.18
N SER C 107 8.45 35.24 11.17
CA SER C 107 9.58 36.11 11.41
C SER C 107 9.19 37.40 12.12
N ILE C 108 7.92 37.78 12.07
CA ILE C 108 7.48 39.00 12.76
C ILE C 108 7.77 38.94 14.24
N HIS C 109 7.79 37.74 14.82
CA HIS C 109 8.05 37.56 16.25
C HIS C 109 9.54 37.46 16.56
N ASN C 110 10.38 38.20 15.83
CA ASN C 110 11.81 38.22 16.10
C ASN C 110 12.14 39.36 17.06
C1 NAG D . -20.00 8.47 -8.81
C2 NAG D . -20.96 9.52 -9.36
C3 NAG D . -22.20 9.62 -8.47
C4 NAG D . -22.82 8.24 -8.24
C5 NAG D . -21.76 7.21 -7.84
C6 NAG D . -22.29 5.79 -7.83
C7 NAG D . -20.13 11.44 -10.65
C8 NAG D . -19.45 12.77 -10.58
N2 NAG D . -20.31 10.82 -9.48
O3 NAG D . -23.14 10.48 -9.08
O4 NAG D . -23.76 8.34 -7.18
O5 NAG D . -20.65 7.23 -8.74
O6 NAG D . -23.35 5.64 -6.90
O7 NAG D . -20.52 10.96 -11.71
C1 NAG D . -25.12 8.12 -7.61
C2 NAG D . -26.03 8.58 -6.47
C3 NAG D . -27.50 8.41 -6.85
C4 NAG D . -27.78 9.10 -8.19
C5 NAG D . -26.81 8.61 -9.24
C6 NAG D . -26.96 9.32 -10.57
C7 NAG D . -24.92 8.33 -4.29
C8 NAG D . -24.73 7.45 -3.10
N2 NAG D . -25.73 7.85 -5.24
O3 NAG D . -28.32 8.96 -5.84
O4 NAG D . -29.12 8.82 -8.60
O5 NAG D . -25.45 8.83 -8.81
O6 NAG D . -25.88 9.03 -11.45
O7 NAG D . -24.36 9.42 -4.40
C1 NAG E . -5.15 -48.05 -41.11
C2 NAG E . -4.95 -49.11 -42.20
C3 NAG E . -5.96 -48.91 -43.33
C4 NAG E . -7.38 -48.81 -42.79
C5 NAG E . -7.45 -47.74 -41.70
C6 NAG E . -8.80 -47.66 -41.03
C7 NAG E . -2.64 -49.93 -42.34
C8 NAG E . -1.29 -49.75 -42.97
N2 NAG E . -3.59 -49.07 -42.72
O3 NAG E . -5.83 -50.00 -44.23
O4 NAG E . -8.29 -48.44 -43.83
O5 NAG E . -6.50 -48.06 -40.66
O6 NAG E . -8.83 -46.65 -40.05
O7 NAG E . -2.85 -50.81 -41.50
C1 NAG E . -8.81 -49.60 -44.51
C2 NAG E . -10.30 -49.42 -44.81
C3 NAG E . -10.83 -50.61 -45.58
C4 NAG E . -9.98 -50.84 -46.84
C5 NAG E . -8.51 -50.97 -46.47
C6 NAG E . -7.61 -51.07 -47.69
C7 NAG E . -11.83 -48.15 -43.36
C8 NAG E . -12.54 -48.11 -42.04
N2 NAG E . -11.06 -49.22 -43.58
O3 NAG E . -12.19 -50.38 -45.95
O4 NAG E . -10.41 -52.03 -47.49
O5 NAG E . -8.09 -49.82 -45.74
O6 NAG E . -6.60 -50.07 -47.65
O7 NAG E . -11.93 -47.25 -44.18
CL CL F . 26.37 31.45 32.36
CL CL G . 22.02 38.09 24.77
CL CL H . 2.16 41.52 25.96
NA NA I . 30.32 34.78 42.55
NA NA J . 21.96 32.03 37.41
C1 NAG K . 1.88 14.37 36.48
C2 NAG K . 1.77 15.05 37.84
C3 NAG K . 0.80 14.29 38.74
C4 NAG K . -0.54 14.09 38.03
C5 NAG K . -0.32 13.48 36.64
C6 NAG K . -1.59 13.39 35.83
C7 NAG K . 3.87 16.23 38.31
C8 NAG K . 5.17 16.20 39.05
N2 NAG K . 3.07 15.18 38.48
O3 NAG K . 0.62 15.00 39.95
O4 NAG K . -1.37 13.23 38.79
O5 NAG K . 0.60 14.27 35.89
O6 NAG K . -1.33 13.02 34.49
O7 NAG K . 3.57 17.17 37.59
NA NA L . 14.54 12.06 19.88
NA NA M . 3.64 1.54 1.79
NA NA N . -17.10 -42.88 -6.37
NA NA O . -21.64 -27.22 -24.12
NA NA P . -0.12 -19.83 -29.32
C1 NAG Q . -4.54 35.52 5.56
C2 NAG Q . -4.60 36.76 4.64
C3 NAG Q . -4.47 38.05 5.44
C4 NAG Q . -5.46 38.08 6.58
C5 NAG Q . -5.27 36.86 7.46
C6 NAG Q . -6.26 36.78 8.60
C7 NAG Q . -3.80 36.28 2.37
C8 NAG Q . -2.61 36.27 1.45
N2 NAG Q . -3.57 36.68 3.63
O3 NAG Q . -4.68 39.16 4.58
O4 NAG Q . -5.26 39.26 7.37
O5 NAG Q . -5.47 35.69 6.66
O6 NAG Q . -5.62 36.40 9.82
O7 NAG Q . -4.92 35.94 1.98
CL CL R . -9.46 18.83 29.67
NA NA S . 4.34 29.69 23.39
NA NA T . -12.28 25.89 13.80
NA NA U . 16.20 9.99 21.45
#